data_4GTT
#
_entry.id   4GTT
#
_cell.length_a   66.592
_cell.length_b   91.618
_cell.length_c   114.305
_cell.angle_alpha   90.00
_cell.angle_beta   90.00
_cell.angle_gamma   90.00
#
_symmetry.space_group_name_H-M   'P 21 21 21'
#
loop_
_entity.id
_entity.type
_entity.pdbx_description
1 polymer 'Geranylgeranyl transferase type-2 subunit alpha'
2 polymer 'Geranylgeranyl transferase type-2 subunit beta'
3 non-polymer 'ZINC ION'
4 non-polymer 'CALCIUM ION'
5 non-polymer '4-({(3R)-7-cyano-4-[(4-methoxyphenyl)sulfonyl]-1-[(1-methyl-1H-imidazol-5-yl)methyl]-2,3,4,5-tetrahydro-1H-1,4-benzodiazepin-3-yl}methyl)phenyl benzylcarbamate'
6 water water
#
loop_
_entity_poly.entity_id
_entity_poly.type
_entity_poly.pdbx_seq_one_letter_code
_entity_poly.pdbx_strand_id
1 'polypeptide(L)'
;MHGRLKVKTSEEQAEAKRLEREQKLKLYQSATQAVFQKRQAGELDESVLELTSQILGANPDFATLWNCRREVLQHLETEK
SPEESAALVKAELGFLESCLRVNPKSYGTWHHRCWLLSRLPEPNWARELELCARFLEADERNFHCWDYRRFVAAQAAVAP
AEELAFTDSLITRNFSNYSSWHYRSCLLPQLHPQPDSGPQGRLPENVLLKELELVQNAFFTDPNDQSAWFYHRWLLGAGS
GRCELSVEKSTVLQSELESCKELQELEPENKWCLLTIILLMRALDPLLYEKETLQYFSTLKAVDPMRAAYLDDLRSKFLL
ENSVLKMEYA
;
A
2 'polypeptide(L)'
;GTQQKDVTIKSDAPDTLLLEKHADYIASYGSKKDDYEYCMSEYLRMSGVYWGLTVMDLMGQLHRMNKEEILVFIKSCQHE
CGGVSASIGHDPHLLYTLSAVQILTLYDSIHVINVDKVVAYVQSLQKEDGSFAGDIWGEIDTRFSFCAVATLALLGKLDA
INVEKAIEFVLSCMNFDGGFGCRPGSESHAGQIYCCTGFLAITSQLHQVNSDLLGWWLCERQLPSGGLNGRPEKLPDVCY
SWWVLASLKIIGRLHWIDREKLRSFILACQDEETGGFADRPGDMVDPFHTLFGIAGLSLLGEEQIKPVSPVFCMPEEVLQ
RVNVQPELVS
;
B
#
# COMPACT_ATOMS: atom_id res chain seq x y z
N ALA A 14 -21.78 19.48 23.31
CA ALA A 14 -20.46 20.09 23.00
C ALA A 14 -19.51 20.02 24.21
N GLU A 15 -19.95 20.62 25.31
CA GLU A 15 -19.12 20.73 26.53
C GLU A 15 -18.86 19.38 27.21
N ALA A 16 -19.77 18.43 27.05
CA ALA A 16 -19.67 17.12 27.69
C ALA A 16 -18.69 16.19 26.98
N LYS A 17 -18.90 16.00 25.68
CA LYS A 17 -18.11 15.06 24.88
C LYS A 17 -16.73 15.61 24.52
N ARG A 18 -16.67 16.86 24.10
CA ARG A 18 -15.40 17.51 23.75
C ARG A 18 -14.47 17.62 24.98
N LEU A 19 -15.06 17.90 26.13
CA LEU A 19 -14.30 17.98 27.38
C LEU A 19 -13.86 16.59 27.86
N GLU A 20 -14.71 15.60 27.63
CA GLU A 20 -14.46 14.22 28.07
C GLU A 20 -13.09 13.70 27.63
N ARG A 21 -12.66 14.08 26.44
CA ARG A 21 -11.41 13.53 25.86
C ARG A 21 -10.14 14.15 26.43
N GLU A 22 -10.22 15.35 27.01
CA GLU A 22 -9.07 15.88 27.76
C GLU A 22 -8.88 15.08 29.06
N GLN A 23 -9.97 14.48 29.54
CA GLN A 23 -9.90 13.52 30.64
C GLN A 23 -9.37 12.17 30.15
N LYS A 24 -9.83 11.71 28.99
CA LYS A 24 -9.30 10.48 28.37
C LYS A 24 -7.82 10.64 28.04
N LEU A 25 -7.42 11.84 27.62
CA LEU A 25 -6.03 12.13 27.29
C LEU A 25 -5.14 11.96 28.52
N LYS A 26 -5.59 12.47 29.65
CA LYS A 26 -4.82 12.41 30.90
C LYS A 26 -4.62 10.98 31.38
N LEU A 27 -5.61 10.12 31.15
CA LEU A 27 -5.52 8.70 31.48
C LEU A 27 -4.50 7.99 30.58
N TYR A 28 -4.64 8.21 29.27
CA TYR A 28 -3.66 7.67 28.32
CA TYR A 28 -3.67 7.74 28.27
C TYR A 28 -2.27 8.25 28.63
N GLN A 29 -2.22 9.54 28.95
CA GLN A 29 -0.97 10.23 29.30
C GLN A 29 -0.29 9.56 30.49
N SER A 30 -1.07 9.31 31.54
CA SER A 30 -0.54 8.74 32.79
C SER A 30 -0.23 7.26 32.67
N ALA A 31 -1.14 6.50 32.06
CA ALA A 31 -0.91 5.08 31.79
C ALA A 31 0.35 4.87 30.95
N THR A 32 0.51 5.67 29.90
CA THR A 32 1.73 5.65 29.08
C THR A 32 2.98 5.96 29.91
N GLN A 33 2.93 7.02 30.71
CA GLN A 33 4.03 7.36 31.64
C GLN A 33 4.41 6.16 32.50
N ALA A 34 3.39 5.58 33.14
CA ALA A 34 3.56 4.44 34.06
C ALA A 34 4.17 3.24 33.36
N VAL A 35 3.72 2.94 32.14
CA VAL A 35 4.31 1.85 31.35
C VAL A 35 5.82 2.05 31.13
N PHE A 36 6.21 3.25 30.74
CA PHE A 36 7.64 3.53 30.51
C PHE A 36 8.44 3.53 31.82
N GLN A 37 7.86 4.11 32.88
CA GLN A 37 8.41 4.00 34.23
C GLN A 37 8.69 2.53 34.57
N LYS A 38 7.64 1.71 34.57
CA LYS A 38 7.79 0.27 34.86
C LYS A 38 8.84 -0.40 33.98
N ARG A 39 8.90 -0.01 32.71
CA ARG A 39 9.79 -0.63 31.76
C ARG A 39 11.27 -0.30 32.02
N GLN A 40 11.54 0.97 32.32
CA GLN A 40 12.89 1.39 32.70
C GLN A 40 13.32 0.78 34.04
N ALA A 41 12.35 0.48 34.91
CA ALA A 41 12.62 -0.18 36.19
C ALA A 41 12.94 -1.67 36.06
N GLY A 42 12.69 -2.26 34.89
CA GLY A 42 12.88 -3.70 34.69
C GLY A 42 11.72 -4.54 35.22
N GLU A 43 10.60 -3.88 35.50
CA GLU A 43 9.42 -4.56 36.03
C GLU A 43 8.52 -5.14 34.92
N LEU A 44 8.91 -6.31 34.43
CA LEU A 44 8.18 -7.01 33.37
C LEU A 44 7.07 -7.87 33.96
N ASP A 45 6.00 -7.23 34.41
CA ASP A 45 4.91 -7.94 35.12
C ASP A 45 3.52 -7.62 34.57
N GLU A 46 2.52 -8.27 35.17
CA GLU A 46 1.12 -8.23 34.74
C GLU A 46 0.52 -6.83 34.73
N SER A 47 1.05 -5.94 35.57
CA SER A 47 0.57 -4.57 35.63
C SER A 47 0.80 -3.82 34.32
N VAL A 48 1.86 -4.18 33.60
CA VAL A 48 2.14 -3.59 32.28
C VAL A 48 1.10 -4.08 31.27
N LEU A 49 0.70 -5.35 31.38
CA LEU A 49 -0.36 -5.90 30.55
C LEU A 49 -1.69 -5.20 30.83
N GLU A 50 -1.95 -4.89 32.10
CA GLU A 50 -3.14 -4.14 32.48
C GLU A 50 -3.13 -2.75 31.85
N LEU A 51 -2.05 -2.00 32.09
CA LEU A 51 -1.90 -0.64 31.55
C LEU A 51 -1.93 -0.59 30.02
N THR A 52 -1.20 -1.48 29.37
CA THR A 52 -1.20 -1.47 27.90
C THR A 52 -2.55 -1.85 27.27
N SER A 53 -3.31 -2.72 27.94
CA SER A 53 -4.63 -3.09 27.43
C SER A 53 -5.54 -1.87 27.32
N GLN A 54 -5.38 -0.96 28.28
CA GLN A 54 -6.16 0.27 28.34
C GLN A 54 -5.84 1.24 27.20
N ILE A 55 -4.60 1.23 26.74
CA ILE A 55 -4.15 2.15 25.69
C ILE A 55 -4.32 1.55 24.29
N LEU A 56 -3.94 0.29 24.13
CA LEU A 56 -3.93 -0.39 22.83
C LEU A 56 -5.31 -0.60 22.23
N GLY A 57 -6.32 -0.75 23.09
CA GLY A 57 -7.72 -0.87 22.64
C GLY A 57 -8.18 0.26 21.73
N ALA A 58 -7.82 1.49 22.11
CA ALA A 58 -8.17 2.69 21.35
C ALA A 58 -7.06 3.09 20.38
N ASN A 59 -5.82 2.71 20.69
CA ASN A 59 -4.66 3.18 19.95
C ASN A 59 -3.72 2.05 19.58
N PRO A 60 -4.20 1.10 18.75
CA PRO A 60 -3.41 -0.06 18.41
C PRO A 60 -2.17 0.20 17.52
N ASP A 61 -2.00 1.42 17.00
CA ASP A 61 -0.82 1.72 16.18
C ASP A 61 0.36 2.25 17.03
N PHE A 62 0.16 2.27 18.34
CA PHE A 62 1.23 2.58 19.27
C PHE A 62 2.12 1.33 19.44
N ALA A 63 2.98 1.14 18.44
CA ALA A 63 3.84 -0.04 18.31
C ALA A 63 4.66 -0.39 19.54
N THR A 64 5.20 0.62 20.20
CA THR A 64 6.09 0.37 21.32
C THR A 64 5.35 -0.41 22.41
N LEU A 65 4.06 -0.17 22.58
CA LEU A 65 3.31 -0.88 23.60
C LEU A 65 3.09 -2.37 23.25
N TRP A 66 2.90 -2.70 21.97
CA TRP A 66 2.94 -4.11 21.54
C TRP A 66 4.28 -4.78 21.86
N ASN A 67 5.38 -4.04 21.73
CA ASN A 67 6.70 -4.56 22.07
C ASN A 67 6.81 -4.86 23.58
N CYS A 68 6.27 -3.97 24.41
CA CYS A 68 6.25 -4.14 25.86
C CYS A 68 5.45 -5.37 26.25
N ARG A 69 4.33 -5.60 25.57
CA ARG A 69 3.52 -6.78 25.84
C ARG A 69 4.33 -8.03 25.53
N ARG A 70 4.99 -8.03 24.38
CA ARG A 70 5.85 -9.16 24.03
C ARG A 70 6.97 -9.37 25.05
N GLU A 71 7.63 -8.30 25.46
CA GLU A 71 8.69 -8.40 26.48
C GLU A 71 8.17 -8.98 27.79
N VAL A 72 7.00 -8.52 28.22
CA VAL A 72 6.36 -9.09 29.42
C VAL A 72 6.06 -10.59 29.22
N LEU A 73 5.42 -10.96 28.12
CA LEU A 73 5.07 -12.37 27.91
C LEU A 73 6.28 -13.29 27.80
N GLN A 74 7.31 -12.83 27.11
CA GLN A 74 8.58 -13.56 27.03
C GLN A 74 9.21 -13.78 28.41
N HIS A 75 9.20 -12.74 29.24
CA HIS A 75 9.75 -12.84 30.58
C HIS A 75 8.93 -13.82 31.43
N LEU A 76 7.63 -13.56 31.53
CA LEU A 76 6.72 -14.37 32.35
C LEU A 76 6.76 -15.85 32.00
N GLU A 77 6.97 -16.20 30.73
CA GLU A 77 6.99 -17.62 30.35
C GLU A 77 8.21 -18.36 30.94
N THR A 78 9.23 -17.60 31.35
CA THR A 78 10.44 -18.17 31.96
C THR A 78 10.19 -18.51 33.43
N GLU A 79 9.37 -17.72 34.11
CA GLU A 79 9.14 -17.91 35.55
C GLU A 79 7.70 -18.27 35.91
N LYS A 80 7.03 -19.00 35.02
CA LYS A 80 5.68 -19.51 35.26
C LYS A 80 5.57 -20.91 34.72
N SER A 81 4.58 -21.66 35.22
CA SER A 81 4.38 -23.05 34.81
C SER A 81 3.76 -23.12 33.42
N PRO A 82 3.92 -24.27 32.75
CA PRO A 82 3.18 -24.56 31.53
C PRO A 82 1.71 -24.14 31.60
N GLU A 83 1.02 -24.48 32.70
CA GLU A 83 -0.39 -24.09 32.88
C GLU A 83 -0.63 -22.58 32.95
N GLU A 84 0.19 -21.89 33.74
CA GLU A 84 0.07 -20.43 33.89
C GLU A 84 0.45 -19.70 32.58
N SER A 85 1.41 -20.25 31.84
CA SER A 85 1.82 -19.70 30.56
C SER A 85 0.75 -19.93 29.48
N ALA A 86 0.15 -21.11 29.51
CA ALA A 86 -0.93 -21.44 28.60
C ALA A 86 -2.14 -20.54 28.84
N ALA A 87 -2.34 -20.16 30.10
CA ALA A 87 -3.45 -19.29 30.47
C ALA A 87 -3.21 -17.85 29.99
N LEU A 88 -1.96 -17.39 30.10
CA LEU A 88 -1.57 -16.06 29.58
C LEU A 88 -1.76 -15.97 28.08
N VAL A 89 -1.41 -17.03 27.36
CA VAL A 89 -1.59 -17.09 25.91
C VAL A 89 -3.08 -16.97 25.53
N LYS A 90 -3.93 -17.76 26.18
CA LYS A 90 -5.37 -17.67 25.91
C LYS A 90 -5.96 -16.30 26.23
N ALA A 91 -5.49 -15.65 27.30
CA ALA A 91 -5.93 -14.29 27.64
C ALA A 91 -5.48 -13.30 26.57
N GLU A 92 -4.29 -13.55 26.02
CA GLU A 92 -3.75 -12.73 24.94
C GLU A 92 -4.52 -12.88 23.65
N LEU A 93 -5.02 -14.08 23.37
CA LEU A 93 -5.81 -14.29 22.17
C LEU A 93 -7.14 -13.54 22.25
N GLY A 94 -7.72 -13.44 23.45
CA GLY A 94 -9.00 -12.77 23.65
C GLY A 94 -8.84 -11.27 23.59
N PHE A 95 -7.76 -10.79 24.19
CA PHE A 95 -7.41 -9.41 24.11
C PHE A 95 -7.28 -8.99 22.65
N LEU A 96 -6.50 -9.76 21.90
CA LEU A 96 -6.27 -9.48 20.49
C LEU A 96 -7.56 -9.46 19.67
N GLU A 97 -8.44 -10.41 19.90
CA GLU A 97 -9.73 -10.45 19.20
C GLU A 97 -10.58 -9.25 19.52
N SER A 98 -10.61 -8.84 20.79
CA SER A 98 -11.36 -7.65 21.17
CA SER A 98 -11.34 -7.65 21.21
C SER A 98 -10.78 -6.40 20.51
N CYS A 99 -9.46 -6.32 20.40
CA CYS A 99 -8.83 -5.19 19.72
C CYS A 99 -9.20 -5.16 18.23
N LEU A 100 -9.11 -6.30 17.56
CA LEU A 100 -9.48 -6.44 16.14
C LEU A 100 -10.93 -6.06 15.85
N ARG A 101 -11.84 -6.38 16.78
CA ARG A 101 -13.24 -5.92 16.65
C ARG A 101 -13.38 -4.41 16.60
N VAL A 102 -12.58 -3.69 17.39
CA VAL A 102 -12.60 -2.24 17.39
C VAL A 102 -11.87 -1.67 16.16
N ASN A 103 -10.69 -2.21 15.84
CA ASN A 103 -9.95 -1.78 14.64
CA ASN A 103 -9.92 -1.78 14.65
C ASN A 103 -9.32 -2.96 13.88
N PRO A 104 -10.07 -3.49 12.89
CA PRO A 104 -9.58 -4.65 12.14
C PRO A 104 -8.47 -4.39 11.11
N LYS A 105 -7.95 -3.18 11.07
CA LYS A 105 -7.02 -2.78 10.02
C LYS A 105 -5.72 -2.24 10.57
N SER A 106 -5.35 -2.64 11.78
CA SER A 106 -4.11 -2.17 12.38
C SER A 106 -3.04 -3.22 12.14
N TYR A 107 -1.92 -2.82 11.54
CA TYR A 107 -0.79 -3.71 11.30
C TYR A 107 -0.29 -4.33 12.58
N GLY A 108 -0.21 -3.51 13.62
CA GLY A 108 0.37 -3.92 14.89
C GLY A 108 -0.37 -5.07 15.56
N THR A 109 -1.70 -5.05 15.48
CA THR A 109 -2.54 -6.02 16.15
C THR A 109 -2.42 -7.39 15.49
N TRP A 110 -2.47 -7.40 14.17
CA TRP A 110 -2.37 -8.62 13.39
C TRP A 110 -1.00 -9.24 13.50
N HIS A 111 0.05 -8.41 13.50
CA HIS A 111 1.39 -8.95 13.69
C HIS A 111 1.58 -9.56 15.08
N HIS A 112 1.07 -8.89 16.12
CA HIS A 112 1.18 -9.47 17.46
C HIS A 112 0.52 -10.85 17.50
N ARG A 113 -0.61 -11.02 16.81
CA ARG A 113 -1.28 -12.31 16.77
C ARG A 113 -0.44 -13.40 16.09
N CYS A 114 0.16 -13.03 14.95
CA CYS A 114 1.08 -13.90 14.22
CA CYS A 114 1.10 -13.91 14.25
C CYS A 114 2.30 -14.24 15.11
N TRP A 115 2.88 -13.22 15.74
CA TRP A 115 4.03 -13.44 16.65
C TRP A 115 3.63 -14.47 17.72
N LEU A 116 2.48 -14.22 18.34
CA LEU A 116 1.96 -15.09 19.38
C LEU A 116 1.78 -16.52 18.90
N LEU A 117 1.02 -16.70 17.82
CA LEU A 117 0.70 -18.04 17.31
C LEU A 117 1.95 -18.78 16.81
N SER A 118 2.94 -18.02 16.31
CA SER A 118 4.18 -18.60 15.76
C SER A 118 5.06 -19.25 16.83
N ARG A 119 4.89 -18.87 18.09
CA ARG A 119 5.74 -19.41 19.17
C ARG A 119 5.05 -20.42 20.08
N LEU A 120 3.75 -20.65 19.88
CA LEU A 120 3.04 -21.68 20.62
C LEU A 120 3.49 -23.08 20.19
N PRO A 121 3.45 -24.07 21.11
CA PRO A 121 3.86 -25.45 20.78
C PRO A 121 2.84 -26.21 19.93
N GLU A 122 1.57 -26.21 20.36
CA GLU A 122 0.49 -26.85 19.60
C GLU A 122 -0.62 -25.85 19.25
N PRO A 123 -0.33 -24.90 18.36
CA PRO A 123 -1.32 -23.87 18.03
C PRO A 123 -2.52 -24.44 17.28
N ASN A 124 -3.69 -23.86 17.48
CA ASN A 124 -4.93 -24.33 16.86
C ASN A 124 -5.25 -23.54 15.58
N TRP A 125 -4.74 -24.02 14.45
CA TRP A 125 -4.88 -23.32 13.17
C TRP A 125 -6.28 -23.39 12.56
N ALA A 126 -7.02 -24.44 12.84
CA ALA A 126 -8.39 -24.55 12.31
C ALA A 126 -9.23 -23.40 12.86
N ARG A 127 -9.09 -23.18 14.16
CA ARG A 127 -9.74 -22.08 14.86
C ARG A 127 -9.37 -20.72 14.24
N GLU A 128 -8.08 -20.52 13.99
CA GLU A 128 -7.59 -19.28 13.38
C GLU A 128 -8.15 -19.08 11.96
N LEU A 129 -8.31 -20.17 11.20
CA LEU A 129 -8.94 -20.10 9.89
C LEU A 129 -10.40 -19.68 9.97
N GLU A 130 -11.04 -19.95 11.10
CA GLU A 130 -12.43 -19.55 11.32
C GLU A 130 -12.50 -18.09 11.72
N LEU A 131 -11.55 -17.65 12.54
CA LEU A 131 -11.44 -16.23 12.84
C LEU A 131 -11.32 -15.47 11.53
N CYS A 132 -10.51 -15.98 10.59
CA CYS A 132 -10.37 -15.35 9.27
C CYS A 132 -11.68 -15.30 8.49
N ALA A 133 -12.36 -16.45 8.39
CA ALA A 133 -13.63 -16.52 7.68
C ALA A 133 -14.64 -15.54 8.27
N ARG A 134 -14.62 -15.40 9.60
CA ARG A 134 -15.46 -14.42 10.29
C ARG A 134 -15.13 -12.96 9.94
N PHE A 135 -13.86 -12.58 10.03
CA PHE A 135 -13.50 -11.21 9.71
C PHE A 135 -13.74 -10.92 8.23
N LEU A 136 -13.62 -11.94 7.39
CA LEU A 136 -13.85 -11.79 5.95
C LEU A 136 -15.33 -11.70 5.57
N GLU A 137 -16.21 -12.25 6.39
CA GLU A 137 -17.64 -11.98 6.32
C GLU A 137 -17.95 -10.55 6.64
N ALA A 138 -17.30 -10.01 7.66
CA ALA A 138 -17.44 -8.61 8.00
C ALA A 138 -16.92 -7.71 6.87
N ASP A 139 -15.70 -7.96 6.40
CA ASP A 139 -15.11 -7.14 5.34
C ASP A 139 -14.31 -8.03 4.42
N GLU A 140 -14.89 -8.33 3.26
CA GLU A 140 -14.26 -9.25 2.29
C GLU A 140 -13.00 -8.68 1.63
N ARG A 141 -12.73 -7.41 1.84
CA ARG A 141 -11.58 -6.73 1.27
C ARG A 141 -10.48 -6.43 2.30
N ASN A 142 -10.63 -6.91 3.53
CA ASN A 142 -9.62 -6.62 4.54
C ASN A 142 -8.36 -7.40 4.24
N PHE A 143 -7.34 -6.70 3.73
CA PHE A 143 -6.14 -7.37 3.21
C PHE A 143 -5.29 -7.89 4.33
N HIS A 144 -5.36 -7.25 5.51
CA HIS A 144 -4.70 -7.78 6.69
C HIS A 144 -5.21 -9.15 7.05
N CYS A 145 -6.51 -9.33 6.93
CA CYS A 145 -7.13 -10.62 7.21
C CYS A 145 -6.76 -11.67 6.17
N TRP A 146 -6.83 -11.31 4.89
CA TRP A 146 -6.40 -12.23 3.83
C TRP A 146 -4.93 -12.64 4.02
N ASP A 147 -4.10 -11.68 4.39
CA ASP A 147 -2.68 -11.94 4.65
C ASP A 147 -2.52 -12.89 5.81
N TYR A 148 -3.28 -12.64 6.88
CA TYR A 148 -3.26 -13.54 8.01
C TYR A 148 -3.74 -14.94 7.62
N ARG A 149 -4.75 -15.01 6.76
CA ARG A 149 -5.24 -16.29 6.31
C ARG A 149 -4.20 -17.08 5.52
N ARG A 150 -3.40 -16.42 4.69
CA ARG A 150 -2.33 -17.11 3.95
C ARG A 150 -1.25 -17.58 4.91
N PHE A 151 -0.94 -16.76 5.91
CA PHE A 151 -0.03 -17.16 6.98
C PHE A 151 -0.55 -18.44 7.66
N VAL A 152 -1.79 -18.43 8.13
CA VAL A 152 -2.37 -19.60 8.78
C VAL A 152 -2.44 -20.84 7.85
N ALA A 153 -2.81 -20.64 6.59
CA ALA A 153 -2.89 -21.76 5.64
C ALA A 153 -1.52 -22.43 5.47
N ALA A 154 -0.46 -21.64 5.38
CA ALA A 154 0.89 -22.17 5.26
C ALA A 154 1.27 -22.92 6.53
N GLN A 155 1.19 -22.24 7.67
CA GLN A 155 1.52 -22.84 8.97
C GLN A 155 0.82 -24.19 9.16
N ALA A 156 -0.44 -24.29 8.76
CA ALA A 156 -1.23 -25.52 8.91
C ALA A 156 -1.17 -26.42 7.68
N ALA A 157 -0.33 -26.05 6.71
CA ALA A 157 -0.14 -26.85 5.51
C ALA A 157 -1.45 -27.22 4.84
N VAL A 158 -2.35 -26.24 4.68
CA VAL A 158 -3.60 -26.42 3.93
C VAL A 158 -3.27 -26.46 2.43
N ALA A 159 -3.87 -27.42 1.72
CA ALA A 159 -3.64 -27.58 0.29
C ALA A 159 -4.28 -26.44 -0.51
N PRO A 160 -3.65 -26.04 -1.63
CA PRO A 160 -4.25 -25.05 -2.54
C PRO A 160 -5.70 -25.35 -2.94
N ALA A 161 -6.03 -26.63 -3.14
CA ALA A 161 -7.39 -27.00 -3.55
C ALA A 161 -8.44 -26.56 -2.54
N GLU A 162 -8.11 -26.63 -1.25
CA GLU A 162 -9.06 -26.27 -0.21
C GLU A 162 -9.30 -24.76 -0.23
N GLU A 163 -8.22 -24.00 -0.37
CA GLU A 163 -8.32 -22.54 -0.46
C GLU A 163 -9.04 -22.12 -1.74
N LEU A 164 -8.86 -22.91 -2.81
CA LEU A 164 -9.58 -22.65 -4.05
C LEU A 164 -11.09 -22.78 -3.84
N ALA A 165 -11.49 -23.82 -3.09
CA ALA A 165 -12.92 -24.03 -2.78
C ALA A 165 -13.49 -22.90 -1.93
N PHE A 166 -12.68 -22.37 -1.01
CA PHE A 166 -13.06 -21.20 -0.21
C PHE A 166 -13.30 -19.95 -1.05
N THR A 167 -12.48 -19.72 -2.08
CA THR A 167 -12.65 -18.52 -2.92
C THR A 167 -13.91 -18.55 -3.78
N ASP A 168 -14.25 -19.73 -4.32
CA ASP A 168 -15.44 -19.88 -5.14
C ASP A 168 -16.71 -19.47 -4.39
N SER A 169 -16.86 -19.99 -3.17
CA SER A 169 -18.00 -19.67 -2.32
C SER A 169 -18.10 -18.17 -2.08
N LEU A 170 -16.94 -17.56 -1.80
CA LEU A 170 -16.86 -16.12 -1.61
C LEU A 170 -17.19 -15.33 -2.88
N ILE A 171 -16.96 -15.94 -4.04
CA ILE A 171 -17.19 -15.29 -5.33
C ILE A 171 -18.67 -15.02 -5.60
N THR A 172 -19.50 -16.01 -5.26
CA THR A 172 -20.89 -16.03 -5.69
C THR A 172 -21.87 -15.42 -4.67
N ARG A 173 -21.51 -15.46 -3.37
CA ARG A 173 -22.38 -14.95 -2.30
C ARG A 173 -22.66 -13.44 -2.38
N ASN A 174 -21.72 -12.67 -2.95
CA ASN A 174 -21.85 -11.21 -3.09
C ASN A 174 -20.70 -10.60 -3.92
N PHE A 175 -20.72 -9.27 -4.10
CA PHE A 175 -19.64 -8.56 -4.78
C PHE A 175 -18.43 -8.31 -3.85
N SER A 176 -17.66 -7.25 -4.14
CA SER A 176 -16.38 -6.94 -3.45
C SER A 176 -15.32 -8.04 -3.60
N ASN A 177 -15.15 -8.53 -4.83
CA ASN A 177 -14.37 -9.75 -5.06
C ASN A 177 -12.94 -9.56 -5.53
N TYR A 178 -12.42 -8.35 -5.57
CA TYR A 178 -11.04 -8.18 -6.05
C TYR A 178 -10.08 -9.06 -5.24
N SER A 179 -10.23 -9.07 -3.93
CA SER A 179 -9.35 -9.85 -3.07
C SER A 179 -9.45 -11.37 -3.31
N SER A 180 -10.64 -11.85 -3.62
CA SER A 180 -10.85 -13.28 -3.84
CA SER A 180 -10.86 -13.26 -3.85
C SER A 180 -10.36 -13.68 -5.22
N TRP A 181 -10.57 -12.86 -6.23
CA TRP A 181 -9.96 -13.14 -7.55
C TRP A 181 -8.44 -13.12 -7.46
N HIS A 182 -7.90 -12.18 -6.68
CA HIS A 182 -6.45 -12.11 -6.53
C HIS A 182 -5.89 -13.39 -5.96
N TYR A 183 -6.54 -13.88 -4.92
CA TYR A 183 -6.12 -15.10 -4.27
C TYR A 183 -6.20 -16.26 -5.26
N ARG A 184 -7.23 -16.29 -6.12
CA ARG A 184 -7.32 -17.35 -7.13
C ARG A 184 -6.17 -17.31 -8.11
N SER A 185 -5.76 -16.10 -8.51
CA SER A 185 -4.63 -15.95 -9.41
C SER A 185 -3.32 -16.51 -8.83
N CYS A 186 -3.16 -16.55 -7.50
CA CYS A 186 -1.98 -17.14 -6.87
C CYS A 186 -2.10 -18.63 -6.64
N LEU A 187 -3.32 -19.09 -6.41
CA LEU A 187 -3.61 -20.50 -6.11
C LEU A 187 -3.57 -21.37 -7.37
N LEU A 188 -4.18 -20.90 -8.45
CA LEU A 188 -4.26 -21.67 -9.69
C LEU A 188 -2.91 -22.15 -10.22
N PRO A 189 -1.92 -21.25 -10.32
CA PRO A 189 -0.57 -21.72 -10.69
C PRO A 189 0.05 -22.73 -9.72
N GLN A 190 -0.39 -22.74 -8.47
CA GLN A 190 0.13 -23.70 -7.48
C GLN A 190 -0.39 -25.11 -7.72
N LEU A 191 -1.64 -25.21 -8.17
CA LEU A 191 -2.23 -26.51 -8.48
C LEU A 191 -1.63 -27.13 -9.74
N HIS A 192 -0.89 -26.34 -10.51
CA HIS A 192 -0.19 -26.81 -11.70
C HIS A 192 1.21 -26.14 -11.75
N PRO A 193 2.10 -26.52 -10.81
CA PRO A 193 3.34 -25.77 -10.57
C PRO A 193 4.49 -26.11 -11.53
N GLN A 194 4.78 -25.19 -12.45
CA GLN A 194 5.89 -25.31 -13.39
C GLN A 194 6.87 -24.15 -13.16
N PRO A 195 8.09 -24.23 -13.73
CA PRO A 195 9.07 -23.15 -13.57
C PRO A 195 8.89 -22.05 -14.61
N ARG A 202 0.87 -18.72 -17.19
CA ARG A 202 0.88 -19.95 -17.99
C ARG A 202 0.04 -21.06 -17.33
N LEU A 203 -1.27 -21.03 -17.57
CA LEU A 203 -2.19 -22.06 -17.06
C LEU A 203 -2.44 -23.13 -18.15
N PRO A 204 -2.65 -24.40 -17.73
CA PRO A 204 -3.17 -25.43 -18.66
C PRO A 204 -4.50 -24.99 -19.30
N GLU A 205 -4.70 -25.31 -20.58
CA GLU A 205 -5.87 -24.82 -21.28
C GLU A 205 -7.18 -25.26 -20.63
N ASN A 206 -7.25 -26.52 -20.19
CA ASN A 206 -8.44 -26.99 -19.50
C ASN A 206 -8.78 -26.11 -18.26
N VAL A 207 -7.77 -25.81 -17.45
CA VAL A 207 -7.94 -24.97 -16.27
C VAL A 207 -8.36 -23.56 -16.71
N LEU A 208 -7.66 -23.04 -17.69
CA LEU A 208 -7.96 -21.71 -18.28
C LEU A 208 -9.40 -21.56 -18.77
N LEU A 209 -9.87 -22.54 -19.55
CA LEU A 209 -11.26 -22.58 -20.01
C LEU A 209 -12.27 -22.58 -18.85
N LYS A 210 -12.05 -23.39 -17.83
CA LYS A 210 -12.92 -23.36 -16.65
C LYS A 210 -12.93 -21.97 -16.00
N GLU A 211 -11.75 -21.36 -15.86
CA GLU A 211 -11.64 -20.01 -15.28
C GLU A 211 -12.32 -18.96 -16.14
N LEU A 212 -12.22 -19.10 -17.45
CA LEU A 212 -12.86 -18.14 -18.33
C LEU A 212 -14.38 -18.22 -18.18
N GLU A 213 -14.90 -19.43 -18.01
CA GLU A 213 -16.34 -19.62 -17.83
C GLU A 213 -16.81 -18.96 -16.51
N LEU A 214 -16.08 -19.20 -15.43
CA LEU A 214 -16.39 -18.60 -14.13
C LEU A 214 -16.37 -17.05 -14.12
N VAL A 215 -15.33 -16.47 -14.72
CA VAL A 215 -15.19 -15.01 -14.71
C VAL A 215 -16.24 -14.35 -15.59
N GLN A 216 -16.48 -14.96 -16.75
CA GLN A 216 -17.51 -14.50 -17.69
C GLN A 216 -18.90 -14.47 -17.04
N ASN A 217 -19.26 -15.51 -16.29
CA ASN A 217 -20.49 -15.53 -15.48
CA ASN A 217 -20.49 -15.50 -15.52
C ASN A 217 -20.52 -14.30 -14.58
N ALA A 218 -19.41 -14.05 -13.90
CA ALA A 218 -19.31 -12.95 -12.95
C ALA A 218 -19.57 -11.61 -13.61
N PHE A 219 -18.91 -11.31 -14.73
CA PHE A 219 -19.07 -9.96 -15.30
C PHE A 219 -20.33 -9.78 -16.14
N PHE A 220 -20.93 -10.88 -16.59
CA PHE A 220 -22.24 -10.80 -17.20
C PHE A 220 -23.34 -10.63 -16.15
N THR A 221 -23.14 -11.20 -14.97
CA THR A 221 -24.04 -11.00 -13.83
C THR A 221 -23.99 -9.57 -13.31
N ASP A 222 -22.78 -9.11 -12.95
CA ASP A 222 -22.56 -7.73 -12.52
C ASP A 222 -21.52 -7.04 -13.42
N PRO A 223 -21.96 -6.42 -14.54
CA PRO A 223 -21.03 -5.80 -15.49
C PRO A 223 -20.29 -4.53 -14.99
N ASN A 224 -20.73 -3.97 -13.87
CA ASN A 224 -20.08 -2.77 -13.33
C ASN A 224 -18.91 -3.05 -12.40
N ASP A 225 -18.76 -4.28 -11.92
CA ASP A 225 -17.66 -4.57 -10.99
C ASP A 225 -16.39 -4.94 -11.74
N GLN A 226 -15.40 -4.06 -11.58
CA GLN A 226 -14.14 -4.14 -12.29
C GLN A 226 -13.32 -5.38 -12.00
N SER A 227 -13.51 -6.02 -10.84
CA SER A 227 -12.59 -7.10 -10.44
C SER A 227 -12.58 -8.28 -11.41
N ALA A 228 -13.75 -8.70 -11.87
CA ALA A 228 -13.85 -9.76 -12.86
C ALA A 228 -13.16 -9.38 -14.19
N TRP A 229 -13.32 -8.13 -14.63
CA TRP A 229 -12.73 -7.69 -15.88
C TRP A 229 -11.21 -7.63 -15.83
N PHE A 230 -10.66 -7.24 -14.68
CA PHE A 230 -9.22 -7.22 -14.47
C PHE A 230 -8.65 -8.62 -14.52
N TYR A 231 -9.33 -9.53 -13.85
CA TYR A 231 -8.93 -10.92 -13.80
C TYR A 231 -9.04 -11.58 -15.20
N HIS A 232 -10.11 -11.26 -15.92
CA HIS A 232 -10.28 -11.79 -17.26
C HIS A 232 -9.14 -11.30 -18.16
N ARG A 233 -8.71 -10.03 -18.00
CA ARG A 233 -7.63 -9.54 -18.85
C ARG A 233 -6.39 -10.38 -18.65
N TRP A 234 -6.15 -10.79 -17.40
CA TRP A 234 -5.02 -11.64 -17.07
C TRP A 234 -5.14 -13.03 -17.72
N LEU A 235 -6.34 -13.61 -17.66
CA LEU A 235 -6.58 -14.93 -18.25
C LEU A 235 -6.35 -14.91 -19.75
N LEU A 236 -6.73 -13.80 -20.38
CA LEU A 236 -6.53 -13.59 -21.82
C LEU A 236 -5.07 -13.71 -22.25
N GLY A 237 -4.15 -13.25 -21.41
CA GLY A 237 -2.72 -13.44 -21.68
C GLY A 237 -2.12 -14.74 -21.14
N ALA A 238 -2.88 -15.46 -20.33
CA ALA A 238 -2.32 -16.57 -19.55
C ALA A 238 -2.20 -17.87 -20.35
N GLY A 239 -2.57 -17.85 -21.63
CA GLY A 239 -2.58 -19.05 -22.45
C GLY A 239 -1.32 -19.27 -23.29
N SER A 240 -1.53 -19.70 -24.53
CA SER A 240 -0.45 -20.21 -25.39
C SER A 240 -0.20 -19.43 -26.70
N GLY A 241 -1.01 -18.42 -26.98
CA GLY A 241 -0.84 -17.60 -28.19
C GLY A 241 -1.88 -17.86 -29.27
N ARG A 242 -2.22 -16.81 -30.03
CA ARG A 242 -3.30 -16.86 -31.03
C ARG A 242 -3.02 -17.80 -32.22
N CYS A 243 -1.74 -17.95 -32.55
CA CYS A 243 -1.30 -18.91 -33.58
C CYS A 243 -1.59 -20.36 -33.18
N GLU A 244 -1.79 -20.58 -31.88
CA GLU A 244 -1.97 -21.92 -31.32
C GLU A 244 -3.41 -22.16 -30.86
N LEU A 245 -4.34 -21.28 -31.26
CA LEU A 245 -5.73 -21.41 -30.78
C LEU A 245 -6.33 -22.77 -31.15
N SER A 246 -6.75 -23.51 -30.13
CA SER A 246 -7.57 -24.71 -30.31
C SER A 246 -8.91 -24.32 -30.95
N VAL A 247 -9.62 -25.29 -31.52
CA VAL A 247 -10.94 -24.92 -32.00
C VAL A 247 -11.84 -24.59 -30.81
N GLU A 248 -11.63 -25.23 -29.67
CA GLU A 248 -12.47 -24.95 -28.50
C GLU A 248 -12.18 -23.57 -27.91
N LYS A 249 -10.91 -23.21 -27.81
CA LYS A 249 -10.55 -21.90 -27.25
C LYS A 249 -10.94 -20.80 -28.22
N SER A 250 -10.67 -21.01 -29.51
CA SER A 250 -11.14 -20.11 -30.55
C SER A 250 -12.63 -19.85 -30.43
N THR A 251 -13.40 -20.92 -30.27
CA THR A 251 -14.86 -20.85 -30.18
C THR A 251 -15.35 -20.14 -28.89
N VAL A 252 -14.73 -20.48 -27.76
CA VAL A 252 -15.02 -19.80 -26.49
C VAL A 252 -14.75 -18.30 -26.55
N LEU A 253 -13.60 -17.91 -27.11
CA LEU A 253 -13.29 -16.47 -27.24
C LEU A 253 -14.24 -15.74 -28.18
N GLN A 254 -14.58 -16.40 -29.29
CA GLN A 254 -15.56 -15.80 -30.22
C GLN A 254 -16.90 -15.61 -29.55
N SER A 255 -17.29 -16.58 -28.72
CA SER A 255 -18.52 -16.50 -27.97
C SER A 255 -18.50 -15.37 -26.93
N GLU A 256 -17.37 -15.22 -26.23
CA GLU A 256 -17.18 -14.08 -25.32
C GLU A 256 -17.31 -12.77 -26.06
N LEU A 257 -16.70 -12.67 -27.24
CA LEU A 257 -16.82 -11.48 -28.07
C LEU A 257 -18.29 -11.13 -28.33
N GLU A 258 -19.06 -12.08 -28.85
CA GLU A 258 -20.48 -11.81 -29.12
C GLU A 258 -21.27 -11.48 -27.87
N SER A 259 -20.93 -12.09 -26.75
CA SER A 259 -21.61 -11.81 -25.50
C SER A 259 -21.29 -10.39 -24.97
N CYS A 260 -20.05 -9.94 -25.16
CA CYS A 260 -19.67 -8.55 -24.83
C CYS A 260 -20.35 -7.51 -25.73
N LYS A 261 -20.48 -7.82 -27.01
CA LYS A 261 -21.24 -6.95 -27.90
C LYS A 261 -22.72 -6.83 -27.47
N GLU A 262 -23.29 -7.93 -27.00
CA GLU A 262 -24.64 -7.96 -26.45
C GLU A 262 -24.72 -7.06 -25.25
N LEU A 263 -23.80 -7.26 -24.31
CA LEU A 263 -23.69 -6.39 -23.14
C LEU A 263 -23.52 -4.91 -23.50
N GLN A 264 -22.79 -4.63 -24.58
CA GLN A 264 -22.59 -3.26 -25.06
C GLN A 264 -23.92 -2.59 -25.46
N GLU A 265 -24.80 -3.37 -26.10
CA GLU A 265 -26.17 -2.91 -26.43
C GLU A 265 -26.97 -2.49 -25.19
N LEU A 266 -26.86 -3.27 -24.12
CA LEU A 266 -27.57 -3.01 -22.87
C LEU A 266 -26.94 -1.90 -22.02
N GLU A 267 -25.61 -1.75 -22.13
CA GLU A 267 -24.85 -0.83 -21.29
C GLU A 267 -23.83 -0.08 -22.16
N PRO A 268 -24.31 0.90 -22.95
CA PRO A 268 -23.45 1.48 -24.00
C PRO A 268 -22.27 2.27 -23.43
N GLU A 269 -22.48 2.83 -22.23
CA GLU A 269 -21.44 3.52 -21.49
C GLU A 269 -20.62 2.64 -20.50
N ASN A 270 -20.72 1.31 -20.62
CA ASN A 270 -19.87 0.40 -19.84
C ASN A 270 -18.52 0.29 -20.52
N LYS A 271 -17.50 0.87 -19.92
CA LYS A 271 -16.18 0.92 -20.55
C LYS A 271 -15.43 -0.43 -20.55
N TRP A 272 -15.67 -1.25 -19.53
CA TRP A 272 -14.95 -2.51 -19.34
C TRP A 272 -15.28 -3.50 -20.46
N CYS A 273 -16.53 -3.54 -20.89
CA CYS A 273 -16.90 -4.46 -21.97
CA CYS A 273 -16.96 -4.40 -21.98
C CYS A 273 -16.30 -4.00 -23.30
N LEU A 274 -16.25 -2.70 -23.55
CA LEU A 274 -15.62 -2.17 -24.76
C LEU A 274 -14.14 -2.50 -24.79
N LEU A 275 -13.45 -2.25 -23.68
CA LEU A 275 -12.02 -2.59 -23.62
C LEU A 275 -11.82 -4.07 -23.88
N THR A 276 -12.66 -4.90 -23.26
CA THR A 276 -12.54 -6.35 -23.41
C THR A 276 -12.78 -6.85 -24.84
N ILE A 277 -13.73 -6.24 -25.54
CA ILE A 277 -13.94 -6.48 -26.97
C ILE A 277 -12.65 -6.30 -27.79
N ILE A 278 -11.93 -5.19 -27.54
CA ILE A 278 -10.65 -4.92 -28.20
C ILE A 278 -9.62 -5.99 -27.87
N LEU A 279 -9.52 -6.33 -26.59
CA LEU A 279 -8.59 -7.36 -26.14
C LEU A 279 -8.90 -8.74 -26.71
N LEU A 280 -10.18 -9.05 -26.84
CA LEU A 280 -10.58 -10.32 -27.43
C LEU A 280 -10.24 -10.39 -28.90
N MET A 281 -10.57 -9.34 -29.66
CA MET A 281 -10.19 -9.28 -31.06
C MET A 281 -8.70 -9.44 -31.28
N ARG A 282 -7.90 -8.83 -30.42
CA ARG A 282 -6.45 -9.03 -30.39
C ARG A 282 -6.07 -10.47 -30.18
N ALA A 283 -6.75 -11.11 -29.22
CA ALA A 283 -6.45 -12.48 -28.84
C ALA A 283 -6.84 -13.44 -29.96
N LEU A 284 -7.77 -13.00 -30.82
CA LEU A 284 -8.33 -13.84 -31.88
C LEU A 284 -7.57 -13.69 -33.20
N ASP A 285 -7.45 -12.46 -33.69
CA ASP A 285 -6.84 -12.15 -35.00
C ASP A 285 -6.65 -10.63 -35.19
N PRO A 286 -5.50 -10.08 -34.78
CA PRO A 286 -5.29 -8.64 -34.83
C PRO A 286 -5.52 -8.00 -36.22
N LEU A 287 -5.05 -8.64 -37.28
CA LEU A 287 -5.16 -8.05 -38.61
C LEU A 287 -6.57 -8.17 -39.19
N LEU A 288 -7.23 -9.30 -38.99
CA LEU A 288 -8.59 -9.47 -39.48
C LEU A 288 -9.56 -8.48 -38.80
N TYR A 289 -9.31 -8.17 -37.54
CA TYR A 289 -10.18 -7.27 -36.80
C TYR A 289 -9.60 -5.85 -36.70
N GLU A 290 -8.63 -5.49 -37.55
CA GLU A 290 -7.99 -4.18 -37.47
C GLU A 290 -8.98 -3.04 -37.56
N LYS A 291 -9.91 -3.13 -38.51
CA LYS A 291 -10.91 -2.10 -38.70
C LYS A 291 -11.79 -1.91 -37.47
N GLU A 292 -12.31 -3.02 -36.94
CA GLU A 292 -13.20 -2.95 -35.77
C GLU A 292 -12.43 -2.46 -34.54
N THR A 293 -11.20 -2.89 -34.39
CA THR A 293 -10.38 -2.46 -33.26
C THR A 293 -10.30 -0.93 -33.26
N LEU A 294 -10.04 -0.35 -34.43
CA LEU A 294 -9.93 1.10 -34.54
C LEU A 294 -11.26 1.78 -34.18
N GLN A 295 -12.38 1.25 -34.66
CA GLN A 295 -13.72 1.77 -34.32
C GLN A 295 -14.00 1.71 -32.82
N TYR A 296 -13.61 0.59 -32.20
CA TYR A 296 -13.84 0.41 -30.77
C TYR A 296 -13.00 1.35 -29.91
N PHE A 297 -11.79 1.65 -30.38
CA PHE A 297 -10.96 2.66 -29.70
C PHE A 297 -11.65 4.03 -29.67
N SER A 298 -12.27 4.47 -30.77
CA SER A 298 -12.95 5.79 -30.77
C SER A 298 -14.13 5.83 -29.83
N THR A 299 -14.91 4.75 -29.82
CA THR A 299 -16.07 4.62 -28.94
C THR A 299 -15.62 4.65 -27.48
N LEU A 300 -14.64 3.80 -27.13
CA LEU A 300 -14.20 3.69 -25.75
C LEU A 300 -13.63 5.01 -25.24
N LYS A 301 -12.84 5.69 -26.06
CA LYS A 301 -12.30 6.98 -25.65
C LYS A 301 -13.41 7.98 -25.36
N ALA A 302 -14.48 7.96 -26.16
CA ALA A 302 -15.63 8.85 -25.87
C ALA A 302 -16.37 8.45 -24.60
N VAL A 303 -16.44 7.15 -24.32
CA VAL A 303 -17.08 6.66 -23.12
C VAL A 303 -16.22 6.87 -21.86
N ASP A 304 -14.89 6.78 -21.98
CA ASP A 304 -13.99 6.89 -20.82
C ASP A 304 -12.91 7.93 -21.07
N PRO A 305 -13.29 9.22 -21.14
CA PRO A 305 -12.32 10.25 -21.52
C PRO A 305 -11.10 10.38 -20.60
N MET A 306 -11.23 10.08 -19.31
CA MET A 306 -10.08 10.19 -18.41
C MET A 306 -8.94 9.25 -18.82
N ARG A 307 -9.27 8.12 -19.46
CA ARG A 307 -8.29 7.13 -19.93
C ARG A 307 -7.84 7.34 -21.39
N ALA A 308 -8.16 8.49 -21.99
CA ALA A 308 -7.82 8.72 -23.40
C ALA A 308 -6.33 8.55 -23.70
N ALA A 309 -5.47 9.03 -22.80
CA ALA A 309 -4.03 8.96 -23.06
C ALA A 309 -3.54 7.52 -23.02
N TYR A 310 -4.07 6.75 -22.08
CA TYR A 310 -3.74 5.33 -21.96
C TYR A 310 -4.19 4.63 -23.21
N LEU A 311 -5.41 4.95 -23.64
CA LEU A 311 -6.03 4.27 -24.78
C LEU A 311 -5.32 4.56 -26.10
N ASP A 312 -4.84 5.78 -26.26
CA ASP A 312 -4.00 6.10 -27.41
C ASP A 312 -2.68 5.35 -27.42
N ASP A 313 -2.01 5.27 -26.28
CA ASP A 313 -0.77 4.51 -26.17
C ASP A 313 -0.96 3.00 -26.43
N LEU A 314 -2.06 2.43 -25.93
CA LEU A 314 -2.40 1.05 -26.19
C LEU A 314 -2.69 0.84 -27.67
N ARG A 315 -3.43 1.74 -28.28
CA ARG A 315 -3.69 1.67 -29.71
C ARG A 315 -2.41 1.77 -30.53
N SER A 316 -1.53 2.70 -30.19
CA SER A 316 -0.23 2.83 -30.88
C SER A 316 0.59 1.54 -30.79
N LYS A 317 0.58 0.92 -29.60
CA LYS A 317 1.25 -0.35 -29.35
C LYS A 317 0.71 -1.44 -30.27
N PHE A 318 -0.61 -1.54 -30.33
CA PHE A 318 -1.28 -2.55 -31.14
C PHE A 318 -1.04 -2.33 -32.63
N LEU A 319 -1.01 -1.09 -33.07
CA LEU A 319 -0.69 -0.78 -34.47
C LEU A 319 0.74 -1.17 -34.85
N LEU A 320 1.69 -0.87 -33.97
CA LEU A 320 3.06 -1.38 -34.12
C LEU A 320 3.06 -2.90 -34.25
N GLU A 321 2.36 -3.58 -33.34
CA GLU A 321 2.26 -5.04 -33.38
C GLU A 321 1.78 -5.49 -34.76
N ASN A 322 0.72 -4.84 -35.23
CA ASN A 322 0.12 -5.16 -36.52
C ASN A 322 1.09 -4.94 -37.68
N SER A 323 1.81 -3.84 -37.65
CA SER A 323 2.83 -3.55 -38.68
C SER A 323 3.89 -4.63 -38.76
N VAL A 324 4.32 -5.13 -37.61
CA VAL A 324 5.29 -6.22 -37.55
C VAL A 324 4.69 -7.52 -38.14
N LEU A 325 3.40 -7.77 -37.88
CA LEU A 325 2.70 -8.93 -38.44
C LEU A 325 2.61 -8.85 -39.97
N LYS A 326 2.18 -7.68 -40.46
CA LYS A 326 2.08 -7.40 -41.91
C LYS A 326 3.42 -7.49 -42.65
N MET A 327 4.49 -7.00 -42.04
CA MET A 327 5.82 -7.08 -42.64
C MET A 327 6.36 -8.52 -42.67
N GLU A 328 5.93 -9.36 -41.73
CA GLU A 328 6.29 -10.79 -41.73
C GLU A 328 5.66 -11.57 -42.90
N TYR A 329 4.77 -10.91 -43.64
CA TYR A 329 4.14 -11.48 -44.83
C TYR A 329 5.16 -11.94 -45.87
N ALA A 330 4.81 -13.00 -46.58
CA ALA A 330 5.64 -13.58 -47.64
C ALA A 330 5.35 -12.89 -48.98
N GLN B 4 -17.73 2.88 -8.72
CA GLN B 4 -18.86 3.81 -8.45
C GLN B 4 -18.63 4.59 -7.15
N LYS B 5 -18.15 3.91 -6.11
CA LYS B 5 -17.78 4.58 -4.85
C LYS B 5 -16.86 5.77 -5.10
N ASP B 6 -17.39 6.96 -4.84
CA ASP B 6 -16.68 8.20 -5.11
C ASP B 6 -17.19 9.26 -4.15
N VAL B 7 -16.44 10.37 -4.06
CA VAL B 7 -16.88 11.55 -3.33
C VAL B 7 -17.32 12.61 -4.33
N THR B 8 -18.43 13.28 -4.05
CA THR B 8 -18.90 14.39 -4.87
C THR B 8 -18.33 15.67 -4.28
N ILE B 9 -17.59 16.41 -5.09
CA ILE B 9 -16.99 17.66 -4.66
C ILE B 9 -18.07 18.74 -4.70
N LYS B 10 -18.45 19.26 -3.55
CA LYS B 10 -19.43 20.35 -3.52
C LYS B 10 -18.80 21.63 -4.09
N SER B 11 -19.66 22.45 -4.70
CA SER B 11 -19.23 23.56 -5.56
C SER B 11 -18.50 24.70 -4.84
N ASP B 12 -18.72 24.82 -3.53
CA ASP B 12 -18.02 25.82 -2.72
C ASP B 12 -16.71 25.30 -2.10
N ALA B 13 -16.19 24.21 -2.68
CA ALA B 13 -14.88 23.67 -2.28
C ALA B 13 -13.74 24.51 -2.88
N PRO B 14 -12.62 24.67 -2.12
CA PRO B 14 -11.50 25.49 -2.56
C PRO B 14 -10.98 25.13 -3.96
N ASP B 15 -10.68 26.13 -4.78
CA ASP B 15 -10.17 25.89 -6.14
C ASP B 15 -8.90 26.71 -6.48
N THR B 16 -8.16 27.10 -5.45
CA THR B 16 -6.96 27.92 -5.60
C THR B 16 -5.90 27.42 -4.61
N LEU B 17 -4.62 27.67 -4.89
CA LEU B 17 -3.55 27.19 -4.00
C LEU B 17 -3.25 28.18 -2.86
N LEU B 18 -3.56 27.75 -1.63
CA LEU B 18 -3.43 28.58 -0.44
C LEU B 18 -2.11 28.34 0.28
N LEU B 19 -1.01 28.61 -0.42
CA LEU B 19 0.31 28.23 0.07
C LEU B 19 0.61 28.88 1.42
N GLU B 20 0.36 30.18 1.52
CA GLU B 20 0.73 30.96 2.72
C GLU B 20 0.06 30.39 3.98
N LYS B 21 -1.20 29.98 3.85
CA LYS B 21 -1.92 29.35 4.96
C LYS B 21 -1.35 27.96 5.36
N HIS B 22 -0.77 27.24 4.41
CA HIS B 22 -0.22 25.92 4.68
C HIS B 22 1.08 26.02 5.47
N ALA B 23 1.92 26.96 5.09
CA ALA B 23 3.18 27.20 5.79
C ALA B 23 2.93 27.70 7.20
N ASP B 24 1.89 28.53 7.36
CA ASP B 24 1.42 28.95 8.69
C ASP B 24 0.95 27.75 9.49
N TYR B 25 0.19 26.88 8.84
CA TYR B 25 -0.33 25.67 9.49
C TYR B 25 0.79 24.78 10.01
N ILE B 26 1.79 24.51 9.18
CA ILE B 26 2.90 23.65 9.54
C ILE B 26 3.81 24.34 10.56
N ALA B 27 4.12 25.62 10.31
CA ALA B 27 4.96 26.40 11.23
C ALA B 27 4.42 26.38 12.66
N SER B 28 3.09 26.44 12.79
CA SER B 28 2.41 26.44 14.09
C SER B 28 2.03 25.07 14.61
N TYR B 29 2.19 24.03 13.79
CA TYR B 29 1.87 22.68 14.22
C TYR B 29 2.79 22.24 15.37
N GLY B 30 2.20 21.70 16.42
CA GLY B 30 2.94 21.27 17.61
C GLY B 30 3.06 22.34 18.69
N SER B 31 2.00 23.14 18.85
CA SER B 31 1.92 24.17 19.90
C SER B 31 0.75 23.88 20.85
N ASP B 35 -2.52 20.28 22.68
CA ASP B 35 -3.31 19.73 21.58
C ASP B 35 -3.56 18.24 21.79
N TYR B 36 -4.74 17.77 21.39
CA TYR B 36 -5.13 16.37 21.56
C TYR B 36 -4.41 15.45 20.57
N GLU B 37 -4.69 15.65 19.28
CA GLU B 37 -4.17 14.78 18.22
C GLU B 37 -2.65 14.72 18.19
N TYR B 38 -2.01 15.86 18.46
CA TYR B 38 -0.56 15.92 18.59
C TYR B 38 -0.08 14.87 19.60
N CYS B 39 -0.59 14.93 20.82
CA CYS B 39 -0.15 14.00 21.87
C CYS B 39 -0.34 12.53 21.54
N MET B 40 -1.42 12.21 20.83
CA MET B 40 -1.78 10.82 20.53
C MET B 40 -0.98 10.20 19.37
N SER B 41 -0.29 11.05 18.63
CA SER B 41 0.51 10.61 17.49
C SER B 41 2.01 10.64 17.80
N GLU B 42 2.35 10.71 19.09
CA GLU B 42 3.75 10.67 19.51
C GLU B 42 4.48 9.44 18.95
N TYR B 43 3.74 8.34 18.80
CA TYR B 43 4.31 7.10 18.26
C TYR B 43 4.82 7.21 16.80
N LEU B 44 4.49 8.27 16.10
CA LEU B 44 5.03 8.53 14.77
C LEU B 44 5.73 9.90 14.66
N ARG B 45 6.16 10.46 15.80
CA ARG B 45 6.61 11.85 15.83
C ARG B 45 7.74 12.15 14.82
N MET B 46 8.70 11.26 14.70
CA MET B 46 9.85 11.48 13.81
C MET B 46 9.41 11.63 12.36
N SER B 47 8.38 10.86 11.99
CA SER B 47 7.83 10.88 10.63
C SER B 47 6.99 12.12 10.46
N GLY B 48 6.18 12.43 11.47
CA GLY B 48 5.50 13.76 11.57
C GLY B 48 6.42 14.95 11.32
N VAL B 49 7.59 14.93 11.93
CA VAL B 49 8.61 15.97 11.77
C VAL B 49 9.16 15.99 10.33
N TYR B 50 9.41 14.80 9.77
CA TYR B 50 9.79 14.66 8.36
C TYR B 50 8.72 15.27 7.42
N TRP B 51 7.44 15.03 7.69
CA TRP B 51 6.37 15.51 6.78
C TRP B 51 6.34 17.03 6.79
N GLY B 52 6.37 17.62 7.99
CA GLY B 52 6.40 19.08 8.18
C GLY B 52 7.59 19.75 7.55
N LEU B 53 8.79 19.25 7.83
CA LEU B 53 10.01 19.84 7.28
C LEU B 53 10.10 19.75 5.77
N THR B 54 9.67 18.60 5.22
CA THR B 54 9.72 18.41 3.79
C THR B 54 8.72 19.30 3.07
N VAL B 55 7.49 19.38 3.56
CA VAL B 55 6.50 20.25 2.90
C VAL B 55 6.93 21.72 2.98
N MET B 56 7.50 22.12 4.11
CA MET B 56 7.99 23.49 4.24
C MET B 56 9.12 23.76 3.29
N ASP B 57 10.04 22.81 3.18
CA ASP B 57 11.12 22.95 2.23
C ASP B 57 10.66 22.97 0.76
N LEU B 58 9.58 22.26 0.42
CA LEU B 58 9.05 22.31 -0.95
C LEU B 58 8.42 23.69 -1.24
N MET B 59 7.97 24.36 -0.19
CA MET B 59 7.39 25.71 -0.29
C MET B 59 8.43 26.82 -0.04
N GLY B 60 9.70 26.44 0.12
CA GLY B 60 10.78 27.39 0.44
C GLY B 60 10.76 27.99 1.84
N GLN B 61 9.98 27.41 2.75
CA GLN B 61 9.75 27.93 4.10
C GLN B 61 10.50 27.17 5.20
N LEU B 62 11.48 26.34 4.84
CA LEU B 62 12.15 25.48 5.82
C LEU B 62 12.76 26.28 6.98
N HIS B 63 13.25 27.47 6.67
CA HIS B 63 13.90 28.36 7.67
C HIS B 63 13.01 28.65 8.88
N ARG B 64 11.70 28.59 8.67
CA ARG B 64 10.74 28.87 9.74
C ARG B 64 10.63 27.73 10.77
N MET B 65 11.23 26.57 10.48
CA MET B 65 11.25 25.45 11.41
C MET B 65 12.49 25.53 12.30
N ASN B 66 12.56 24.69 13.33
CA ASN B 66 13.65 24.75 14.30
C ASN B 66 14.75 23.70 14.12
N LYS B 67 15.73 24.02 13.27
CA LYS B 67 16.80 23.09 12.93
C LYS B 67 17.49 22.55 14.19
N GLU B 68 18.05 23.45 14.99
CA GLU B 68 18.83 23.08 16.17
C GLU B 68 18.09 22.12 17.12
N GLU B 69 16.81 22.39 17.34
CA GLU B 69 15.97 21.59 18.23
C GLU B 69 15.65 20.20 17.62
N ILE B 70 15.56 20.14 16.29
CA ILE B 70 15.29 18.87 15.61
C ILE B 70 16.53 17.98 15.61
N LEU B 71 17.71 18.57 15.45
CA LEU B 71 18.94 17.78 15.44
C LEU B 71 19.22 17.15 16.82
N VAL B 72 18.89 17.86 17.90
CA VAL B 72 19.03 17.29 19.24
C VAL B 72 18.01 16.16 19.46
N PHE B 73 16.79 16.36 18.99
CA PHE B 73 15.73 15.36 19.13
C PHE B 73 16.16 14.06 18.40
N ILE B 74 16.66 14.21 17.18
CA ILE B 74 17.07 13.07 16.37
C ILE B 74 18.19 12.29 17.08
N LYS B 75 19.22 12.97 17.54
CA LYS B 75 20.32 12.28 18.24
C LYS B 75 19.83 11.51 19.46
N SER B 76 18.88 12.07 20.18
CA SER B 76 18.33 11.40 21.38
CA SER B 76 18.34 11.40 21.37
C SER B 76 17.48 10.19 21.00
N CYS B 77 17.03 10.12 19.73
CA CYS B 77 16.20 8.99 19.28
C CYS B 77 16.97 7.82 18.68
N GLN B 78 18.29 7.96 18.52
CA GLN B 78 19.12 6.81 18.11
C GLN B 78 19.44 5.95 19.31
N HIS B 79 19.22 4.64 19.16
CA HIS B 79 19.44 3.67 20.23
C HIS B 79 20.81 3.00 20.02
N GLU B 80 21.19 2.12 20.93
CA GLU B 80 22.55 1.55 20.96
C GLU B 80 22.75 0.56 19.82
N CYS B 81 21.64 -0.02 19.35
CA CYS B 81 21.63 -0.88 18.16
C CYS B 81 21.82 -0.11 16.85
N GLY B 82 21.68 1.21 16.87
CA GLY B 82 21.87 2.03 15.69
C GLY B 82 20.57 2.52 15.06
N GLY B 83 19.48 1.83 15.36
CA GLY B 83 18.16 2.19 14.89
C GLY B 83 17.64 3.42 15.57
N VAL B 84 16.71 4.09 14.89
CA VAL B 84 16.09 5.31 15.41
C VAL B 84 14.59 5.10 15.72
N SER B 85 14.15 5.65 16.86
CA SER B 85 12.75 5.57 17.27
C SER B 85 11.98 6.81 16.81
N ALA B 86 10.65 6.75 16.93
CA ALA B 86 9.77 7.86 16.53
C ALA B 86 9.83 8.98 17.54
N SER B 87 10.20 8.66 18.78
CA SER B 87 10.25 9.65 19.83
C SER B 87 11.10 9.12 20.98
N ILE B 88 11.37 9.98 21.95
CA ILE B 88 12.23 9.60 23.07
C ILE B 88 11.51 8.54 23.86
N GLY B 89 12.16 7.40 24.07
CA GLY B 89 11.61 6.34 24.92
C GLY B 89 10.90 5.25 24.13
N HIS B 90 10.60 5.54 22.87
CA HIS B 90 9.96 4.57 22.00
C HIS B 90 11.03 3.69 21.42
N ASP B 91 10.60 2.65 20.72
CA ASP B 91 11.52 1.64 20.22
C ASP B 91 11.97 1.96 18.79
N PRO B 92 13.20 1.56 18.44
CA PRO B 92 13.72 1.77 17.10
C PRO B 92 12.93 1.01 16.02
N HIS B 93 12.89 1.56 14.81
CA HIS B 93 12.19 0.97 13.70
C HIS B 93 12.72 1.53 12.41
N LEU B 94 12.72 0.72 11.35
CA LEU B 94 13.14 1.16 10.02
C LEU B 94 12.38 2.40 9.53
N LEU B 95 11.09 2.49 9.82
CA LEU B 95 10.26 3.61 9.39
C LEU B 95 10.80 4.95 9.87
N TYR B 96 11.20 5.01 11.15
CA TYR B 96 11.70 6.23 11.80
C TYR B 96 13.17 6.46 11.55
N THR B 97 13.90 5.39 11.34
CA THR B 97 15.26 5.49 10.86
C THR B 97 15.32 6.14 9.50
N LEU B 98 14.42 5.76 8.58
CA LEU B 98 14.33 6.44 7.29
C LEU B 98 14.01 7.89 7.49
N SER B 99 12.94 8.19 8.20
CA SER B 99 12.48 9.59 8.44
C SER B 99 13.59 10.46 9.00
N ALA B 100 14.32 9.93 9.99
CA ALA B 100 15.46 10.66 10.58
C ALA B 100 16.55 10.97 9.55
N VAL B 101 16.86 9.96 8.74
CA VAL B 101 17.87 10.11 7.70
C VAL B 101 17.41 11.08 6.62
N GLN B 102 16.12 11.07 6.28
CA GLN B 102 15.60 12.06 5.35
C GLN B 102 15.72 13.50 5.88
N ILE B 103 15.39 13.68 7.15
CA ILE B 103 15.47 14.98 7.82
C ILE B 103 16.91 15.47 7.84
N LEU B 104 17.82 14.61 8.28
CA LEU B 104 19.25 14.97 8.34
C LEU B 104 19.81 15.23 6.95
N THR B 105 19.24 14.57 5.95
CA THR B 105 19.54 14.90 4.57
C THR B 105 19.04 16.30 4.16
N LEU B 106 17.80 16.65 4.50
CA LEU B 106 17.29 17.99 4.25
C LEU B 106 18.20 19.07 4.90
N TYR B 107 18.75 18.75 6.07
CA TYR B 107 19.58 19.68 6.84
C TYR B 107 21.10 19.55 6.65
N ASP B 108 21.55 18.73 5.71
CA ASP B 108 22.99 18.38 5.55
C ASP B 108 23.71 18.11 6.88
N SER B 109 23.07 17.34 7.76
CA SER B 109 23.58 17.09 9.11
C SER B 109 23.63 15.61 9.43
N ILE B 110 23.94 14.78 8.44
CA ILE B 110 23.90 13.32 8.63
C ILE B 110 24.81 12.81 9.77
N HIS B 111 25.92 13.51 10.00
CA HIS B 111 26.81 13.04 11.06
CA HIS B 111 26.90 13.24 11.08
C HIS B 111 26.34 13.43 12.47
N VAL B 112 25.17 14.05 12.57
CA VAL B 112 24.46 14.18 13.85
C VAL B 112 24.25 12.80 14.49
N ILE B 113 24.03 11.78 13.66
CA ILE B 113 23.92 10.41 14.17
C ILE B 113 25.11 9.54 13.75
N ASN B 114 25.24 8.40 14.42
CA ASN B 114 26.25 7.41 14.07
C ASN B 114 25.83 6.64 12.81
N VAL B 115 26.38 7.05 11.69
CA VAL B 115 26.01 6.52 10.39
C VAL B 115 26.40 5.06 10.23
N ASP B 116 27.56 4.67 10.77
CA ASP B 116 27.99 3.28 10.75
C ASP B 116 27.02 2.39 11.49
N LYS B 117 26.44 2.91 12.57
CA LYS B 117 25.51 2.12 13.35
C LYS B 117 24.14 2.00 12.71
N VAL B 118 23.70 3.03 11.98
CA VAL B 118 22.42 2.94 11.25
C VAL B 118 22.54 1.86 10.18
N VAL B 119 23.70 1.82 9.53
CA VAL B 119 23.96 0.87 8.48
C VAL B 119 23.96 -0.57 9.01
N ALA B 120 24.57 -0.79 10.18
CA ALA B 120 24.58 -2.08 10.84
C ALA B 120 23.17 -2.47 11.26
N TYR B 121 22.40 -1.52 11.73
CA TYR B 121 21.00 -1.78 12.08
C TYR B 121 20.23 -2.27 10.84
N VAL B 122 20.24 -1.50 9.77
CA VAL B 122 19.54 -1.89 8.55
C VAL B 122 19.98 -3.30 8.09
N GLN B 123 21.30 -3.50 8.02
CA GLN B 123 21.88 -4.77 7.59
C GLN B 123 21.34 -5.92 8.45
N SER B 124 21.19 -5.69 9.74
CA SER B 124 20.73 -6.73 10.66
C SER B 124 19.29 -7.21 10.44
N LEU B 125 18.48 -6.38 9.76
CA LEU B 125 17.05 -6.65 9.61
C LEU B 125 16.73 -7.44 8.37
N GLN B 126 17.73 -7.65 7.50
CA GLN B 126 17.52 -8.44 6.30
C GLN B 126 17.50 -9.95 6.60
N LYS B 127 16.53 -10.63 5.98
CA LYS B 127 16.31 -12.08 6.18
C LYS B 127 16.94 -12.88 5.04
N GLU B 128 16.99 -14.20 5.21
CA GLU B 128 17.65 -15.09 4.23
C GLU B 128 17.00 -15.00 2.87
N ASP B 129 15.69 -14.77 2.82
CA ASP B 129 15.00 -14.66 1.54
C ASP B 129 15.13 -13.27 0.91
N GLY B 130 15.83 -12.37 1.59
CA GLY B 130 16.10 -11.05 1.07
C GLY B 130 15.20 -9.95 1.60
N SER B 131 14.10 -10.33 2.27
CA SER B 131 13.16 -9.37 2.83
C SER B 131 13.75 -8.63 4.03
N PHE B 132 13.05 -7.57 4.41
CA PHE B 132 13.37 -6.84 5.62
C PHE B 132 12.23 -6.86 6.64
N ALA B 133 12.61 -7.10 7.89
CA ALA B 133 11.73 -6.89 9.05
C ALA B 133 11.83 -5.43 9.39
N GLY B 134 10.78 -4.88 9.98
CA GLY B 134 10.78 -3.47 10.37
C GLY B 134 11.57 -3.19 11.62
N ASP B 135 11.68 -4.20 12.46
CA ASP B 135 12.43 -4.11 13.70
C ASP B 135 12.72 -5.52 14.20
N ILE B 136 13.29 -5.64 15.40
CA ILE B 136 13.61 -6.95 15.96
C ILE B 136 12.41 -7.90 16.13
N TRP B 137 11.18 -7.39 16.10
CA TRP B 137 10.02 -8.26 16.31
C TRP B 137 9.52 -8.96 15.04
N GLY B 138 10.16 -8.69 13.90
CA GLY B 138 10.04 -9.52 12.72
C GLY B 138 8.89 -9.31 11.76
N GLU B 139 8.19 -8.19 11.80
CA GLU B 139 7.12 -8.01 10.80
C GLU B 139 7.78 -7.82 9.43
N ILE B 140 7.36 -8.59 8.43
CA ILE B 140 7.94 -8.50 7.09
C ILE B 140 6.99 -7.73 6.19
N ASP B 141 7.48 -6.70 5.52
CA ASP B 141 6.64 -5.92 4.62
C ASP B 141 7.55 -5.28 3.60
N THR B 142 7.14 -5.24 2.32
CA THR B 142 7.91 -4.57 1.29
C THR B 142 8.09 -3.07 1.59
N ARG B 143 7.20 -2.49 2.41
CA ARG B 143 7.45 -1.11 2.90
C ARG B 143 8.86 -1.03 3.54
N PHE B 144 9.25 -2.07 4.24
CA PHE B 144 10.54 -2.09 4.92
C PHE B 144 11.74 -2.35 4.02
N SER B 145 11.53 -3.07 2.91
CA SER B 145 12.53 -3.19 1.85
C SER B 145 12.85 -1.81 1.28
N PHE B 146 11.81 -1.01 1.05
CA PHE B 146 11.99 0.37 0.62
C PHE B 146 12.67 1.23 1.70
N CYS B 147 12.20 1.20 2.94
CA CYS B 147 12.87 1.95 4.03
C CYS B 147 14.36 1.64 4.10
N ALA B 148 14.70 0.36 4.01
CA ALA B 148 16.08 -0.08 4.08
C ALA B 148 16.96 0.46 2.94
N VAL B 149 16.57 0.27 1.68
CA VAL B 149 17.40 0.74 0.57
C VAL B 149 17.35 2.25 0.40
N ALA B 150 16.23 2.88 0.74
CA ALA B 150 16.16 4.36 0.70
C ALA B 150 17.10 4.99 1.73
N THR B 151 17.05 4.46 2.95
CA THR B 151 17.96 4.88 4.00
C THR B 151 19.40 4.70 3.57
N LEU B 152 19.73 3.53 3.06
CA LEU B 152 21.08 3.25 2.62
C LEU B 152 21.52 4.07 1.40
N ALA B 153 20.62 4.26 0.43
CA ALA B 153 20.91 5.12 -0.73
C ALA B 153 21.27 6.53 -0.30
N LEU B 154 20.55 7.06 0.69
CA LEU B 154 20.82 8.41 1.19
C LEU B 154 22.14 8.53 1.95
N LEU B 155 22.65 7.43 2.45
CA LEU B 155 23.92 7.43 3.17
C LEU B 155 25.09 6.97 2.32
N GLY B 156 24.83 6.61 1.07
CA GLY B 156 25.84 6.11 0.14
C GLY B 156 26.27 4.69 0.45
N LYS B 157 25.37 3.92 1.07
CA LYS B 157 25.74 2.63 1.62
C LYS B 157 24.85 1.47 1.15
N LEU B 158 24.32 1.55 -0.07
CA LEU B 158 23.44 0.49 -0.60
C LEU B 158 24.20 -0.85 -0.61
N ASP B 159 25.51 -0.80 -0.83
CA ASP B 159 26.30 -2.04 -0.90
C ASP B 159 26.35 -2.84 0.39
N ALA B 160 25.89 -2.25 1.49
CA ALA B 160 25.88 -2.88 2.80
C ALA B 160 24.91 -4.05 2.96
N ILE B 161 23.92 -4.14 2.08
CA ILE B 161 22.93 -5.22 2.14
C ILE B 161 23.05 -6.17 0.94
N ASN B 162 22.37 -7.31 1.00
CA ASN B 162 22.35 -8.26 -0.11
C ASN B 162 21.29 -7.79 -1.08
N VAL B 163 21.71 -7.03 -2.10
CA VAL B 163 20.78 -6.35 -2.98
C VAL B 163 20.05 -7.31 -3.90
N GLU B 164 20.78 -8.28 -4.46
CA GLU B 164 20.16 -9.23 -5.37
C GLU B 164 19.07 -10.02 -4.68
N LYS B 165 19.33 -10.49 -3.47
CA LYS B 165 18.30 -11.16 -2.68
C LYS B 165 17.13 -10.24 -2.35
N ALA B 166 17.44 -8.98 -2.03
CA ALA B 166 16.40 -8.00 -1.73
C ALA B 166 15.52 -7.77 -2.93
N ILE B 167 16.14 -7.72 -4.10
CA ILE B 167 15.40 -7.58 -5.36
C ILE B 167 14.49 -8.80 -5.62
N GLU B 168 15.05 -9.98 -5.45
CA GLU B 168 14.31 -11.22 -5.63
C GLU B 168 13.04 -11.23 -4.77
N PHE B 169 13.18 -10.84 -3.52
CA PHE B 169 12.02 -10.81 -2.63
C PHE B 169 10.93 -9.86 -3.13
N VAL B 170 11.32 -8.68 -3.57
CA VAL B 170 10.36 -7.64 -3.98
C VAL B 170 9.63 -8.10 -5.21
N LEU B 171 10.40 -8.70 -6.14
CA LEU B 171 9.80 -9.22 -7.37
C LEU B 171 8.89 -10.40 -7.11
N SER B 172 9.17 -11.20 -6.09
CA SER B 172 8.24 -12.22 -5.62
C SER B 172 6.92 -11.69 -5.06
N CYS B 173 6.82 -10.38 -4.85
CA CYS B 173 5.58 -9.78 -4.40
C CYS B 173 4.80 -9.13 -5.56
N MET B 174 5.23 -9.35 -6.80
CA MET B 174 4.53 -8.83 -7.95
C MET B 174 3.36 -9.73 -8.32
N ASN B 175 2.25 -9.10 -8.70
CA ASN B 175 1.00 -9.81 -8.83
C ASN B 175 0.52 -9.89 -10.27
N PHE B 176 -0.57 -10.62 -10.46
CA PHE B 176 -1.20 -10.84 -11.77
C PHE B 176 -1.53 -9.55 -12.48
N ASP B 177 -1.77 -8.50 -11.70
CA ASP B 177 -2.22 -7.23 -12.23
C ASP B 177 -1.07 -6.22 -12.44
N GLY B 178 0.18 -6.67 -12.25
CA GLY B 178 1.37 -5.84 -12.42
C GLY B 178 1.80 -5.11 -11.16
N GLY B 179 0.94 -5.14 -10.12
CA GLY B 179 1.18 -4.43 -8.86
C GLY B 179 1.90 -5.27 -7.84
N PHE B 180 1.97 -4.74 -6.60
CA PHE B 180 2.69 -5.37 -5.50
C PHE B 180 1.90 -5.26 -4.23
N GLY B 181 2.04 -6.27 -3.38
CA GLY B 181 1.52 -6.24 -2.01
C GLY B 181 2.62 -6.31 -0.94
N CYS B 182 2.19 -6.49 0.31
CA CYS B 182 3.06 -6.51 1.51
C CYS B 182 4.10 -7.61 1.49
N ARG B 183 3.65 -8.79 1.11
CA ARG B 183 4.44 -10.01 1.16
C ARG B 183 4.02 -10.86 -0.02
N PRO B 184 4.78 -11.94 -0.31
CA PRO B 184 4.36 -12.79 -1.41
C PRO B 184 2.90 -13.25 -1.29
N GLY B 185 2.16 -13.11 -2.38
CA GLY B 185 0.76 -13.51 -2.41
C GLY B 185 -0.21 -12.41 -1.99
N SER B 186 0.29 -11.29 -1.44
CA SER B 186 -0.57 -10.19 -1.00
C SER B 186 -1.14 -9.42 -2.19
N GLU B 187 -2.35 -8.94 -2.02
CA GLU B 187 -3.06 -8.22 -3.07
C GLU B 187 -2.39 -6.88 -3.38
N SER B 188 -2.52 -6.40 -4.61
CA SER B 188 -1.93 -5.11 -4.98
C SER B 188 -2.63 -3.95 -4.27
N HIS B 189 -1.83 -2.99 -3.83
CA HIS B 189 -2.30 -1.84 -3.08
C HIS B 189 -1.35 -0.67 -3.46
N ALA B 190 -1.90 0.50 -3.72
CA ALA B 190 -1.10 1.66 -4.12
C ALA B 190 0.08 1.98 -3.22
N GLY B 191 -0.11 1.86 -1.91
CA GLY B 191 0.93 2.04 -0.92
C GLY B 191 2.11 1.15 -1.15
N GLN B 192 1.86 -0.15 -1.36
CA GLN B 192 2.96 -1.09 -1.57
C GLN B 192 3.53 -0.94 -2.96
N ILE B 193 2.70 -0.57 -3.92
CA ILE B 193 3.20 -0.31 -5.27
C ILE B 193 4.18 0.85 -5.26
N TYR B 194 3.83 1.89 -4.53
CA TYR B 194 4.74 3.02 -4.36
C TYR B 194 6.07 2.58 -3.75
N CYS B 195 6.05 1.79 -2.69
CA CYS B 195 7.27 1.32 -2.02
CA CYS B 195 7.31 1.42 -2.05
C CYS B 195 8.11 0.43 -2.92
N CYS B 196 7.45 -0.47 -3.63
CA CYS B 196 8.17 -1.40 -4.49
C CYS B 196 8.69 -0.74 -5.76
N THR B 197 7.93 0.15 -6.41
CA THR B 197 8.52 0.86 -7.55
C THR B 197 9.65 1.78 -7.10
N GLY B 198 9.48 2.43 -5.95
CA GLY B 198 10.58 3.22 -5.36
C GLY B 198 11.80 2.35 -5.12
N PHE B 199 11.59 1.15 -4.61
CA PHE B 199 12.69 0.21 -4.35
C PHE B 199 13.40 -0.18 -5.64
N LEU B 200 12.63 -0.45 -6.69
CA LEU B 200 13.20 -0.89 -7.95
C LEU B 200 13.93 0.26 -8.67
N ALA B 201 13.45 1.48 -8.47
CA ALA B 201 14.19 2.68 -8.93
C ALA B 201 15.57 2.75 -8.30
N ILE B 202 15.63 2.60 -6.99
CA ILE B 202 16.88 2.73 -6.23
C ILE B 202 17.88 1.65 -6.61
N THR B 203 17.39 0.44 -6.81
CA THR B 203 18.22 -0.72 -7.10
C THR B 203 18.43 -0.91 -8.60
N SER B 204 17.92 0.01 -9.42
CA SER B 204 18.07 0.00 -10.88
C SER B 204 17.39 -1.19 -11.60
N GLN B 205 16.18 -1.54 -11.16
CA GLN B 205 15.47 -2.71 -11.68
C GLN B 205 14.10 -2.41 -12.30
N LEU B 206 13.88 -1.18 -12.76
CA LEU B 206 12.57 -0.84 -13.32
C LEU B 206 12.23 -1.60 -14.61
N HIS B 207 13.24 -2.12 -15.29
CA HIS B 207 13.01 -2.97 -16.46
C HIS B 207 12.24 -4.23 -16.09
N GLN B 208 12.24 -4.62 -14.82
CA GLN B 208 11.52 -5.80 -14.39
C GLN B 208 10.03 -5.54 -14.13
N VAL B 209 9.61 -4.28 -14.14
CA VAL B 209 8.21 -3.90 -13.99
C VAL B 209 7.52 -3.93 -15.34
N ASN B 210 6.27 -4.42 -15.39
CA ASN B 210 5.45 -4.31 -16.59
C ASN B 210 4.72 -2.99 -16.55
N SER B 211 5.32 -1.96 -17.17
CA SER B 211 4.88 -0.59 -16.98
C SER B 211 3.52 -0.35 -17.60
N ASP B 212 3.27 -0.99 -18.75
CA ASP B 212 1.99 -0.87 -19.40
C ASP B 212 0.87 -1.49 -18.57
N LEU B 213 1.13 -2.65 -17.96
CA LEU B 213 0.10 -3.33 -17.19
C LEU B 213 -0.14 -2.61 -15.86
N LEU B 214 0.92 -2.40 -15.09
CA LEU B 214 0.83 -1.66 -13.83
C LEU B 214 0.29 -0.23 -14.01
N GLY B 215 0.73 0.42 -15.07
CA GLY B 215 0.31 1.77 -15.38
C GLY B 215 -1.18 1.85 -15.61
N TRP B 216 -1.73 0.83 -16.25
CA TRP B 216 -3.16 0.78 -16.46
C TRP B 216 -3.90 0.60 -15.14
N TRP B 217 -3.43 -0.30 -14.30
CA TRP B 217 -4.03 -0.50 -12.97
C TRP B 217 -4.02 0.81 -12.18
N LEU B 218 -2.91 1.52 -12.25
CA LEU B 218 -2.79 2.80 -11.53
C LEU B 218 -3.69 3.87 -12.12
N CYS B 219 -3.73 4.03 -13.44
CA CYS B 219 -4.57 5.06 -14.02
C CYS B 219 -6.07 4.78 -13.84
N GLU B 220 -6.46 3.50 -13.72
CA GLU B 220 -7.85 3.14 -13.34
C GLU B 220 -8.18 3.45 -11.87
N ARG B 221 -7.20 3.90 -11.09
CA ARG B 221 -7.46 4.42 -9.73
C ARG B 221 -8.19 5.76 -9.73
N GLN B 222 -8.18 6.47 -10.85
CA GLN B 222 -8.79 7.81 -10.91
C GLN B 222 -10.29 7.71 -11.10
N LEU B 223 -11.02 8.32 -10.16
CA LEU B 223 -12.47 8.24 -10.13
C LEU B 223 -13.07 9.48 -10.79
N PRO B 224 -14.37 9.43 -11.12
CA PRO B 224 -14.99 10.57 -11.79
C PRO B 224 -14.71 11.90 -11.09
N SER B 225 -14.68 11.90 -9.76
CA SER B 225 -14.32 13.08 -8.98
C SER B 225 -12.95 13.70 -9.32
N GLY B 226 -12.05 12.95 -9.95
CA GLY B 226 -10.69 13.44 -10.17
C GLY B 226 -9.67 12.84 -9.20
N GLY B 227 -10.15 12.43 -8.04
CA GLY B 227 -9.32 11.87 -6.98
C GLY B 227 -8.91 10.44 -7.29
N LEU B 228 -7.79 10.02 -6.69
CA LEU B 228 -7.31 8.64 -6.87
C LEU B 228 -7.57 7.82 -5.62
N ASN B 229 -7.98 6.57 -5.80
CA ASN B 229 -8.08 5.63 -4.69
C ASN B 229 -6.87 4.69 -4.70
N GLY B 230 -6.77 3.85 -3.66
CA GLY B 230 -5.61 2.99 -3.46
C GLY B 230 -5.75 1.58 -3.97
N ARG B 231 -6.99 1.20 -4.26
CA ARG B 231 -7.31 -0.07 -4.88
C ARG B 231 -8.77 -0.09 -5.32
N PRO B 232 -9.13 -1.09 -6.13
CA PRO B 232 -10.49 -1.15 -6.65
C PRO B 232 -11.56 -1.01 -5.59
N GLU B 233 -12.58 -0.24 -5.95
CA GLU B 233 -13.83 -0.15 -5.22
C GLU B 233 -13.70 0.55 -3.89
N LYS B 234 -12.69 1.41 -3.77
CA LYS B 234 -12.47 2.19 -2.56
C LYS B 234 -12.63 3.68 -2.85
N LEU B 235 -12.80 4.47 -1.81
CA LEU B 235 -12.94 5.91 -1.88
C LEU B 235 -11.62 6.60 -2.22
N PRO B 236 -11.67 7.69 -3.02
CA PRO B 236 -10.44 8.42 -3.25
C PRO B 236 -9.96 9.19 -2.03
N ASP B 237 -8.68 9.54 -2.01
CA ASP B 237 -8.14 10.48 -1.02
C ASP B 237 -6.75 10.97 -1.42
N VAL B 238 -6.34 12.07 -0.78
CA VAL B 238 -5.13 12.82 -1.13
C VAL B 238 -3.83 12.02 -1.03
N CYS B 239 -3.74 11.10 -0.09
CA CYS B 239 -2.48 10.38 0.08
C CYS B 239 -2.35 9.32 -1.02
N TYR B 240 -3.42 8.56 -1.24
CA TYR B 240 -3.51 7.63 -2.37
C TYR B 240 -3.19 8.39 -3.65
N SER B 241 -3.63 9.63 -3.73
CA SER B 241 -3.33 10.44 -4.90
C SER B 241 -1.82 10.63 -5.07
N TRP B 242 -1.06 10.76 -3.99
CA TRP B 242 0.42 10.77 -4.07
C TRP B 242 1.05 9.38 -4.38
N TRP B 243 0.60 8.35 -3.68
CA TRP B 243 1.12 7.00 -3.92
C TRP B 243 0.99 6.59 -5.39
N VAL B 244 -0.16 6.90 -5.98
CA VAL B 244 -0.45 6.48 -7.34
C VAL B 244 0.31 7.32 -8.36
N LEU B 245 0.33 8.63 -8.15
CA LEU B 245 0.98 9.56 -9.09
C LEU B 245 2.49 9.40 -9.09
N ALA B 246 3.05 9.30 -7.90
CA ALA B 246 4.47 9.01 -7.76
C ALA B 246 4.84 7.70 -8.45
N SER B 247 4.07 6.63 -8.23
CA SER B 247 4.35 5.37 -8.89
C SER B 247 4.32 5.53 -10.42
N LEU B 248 3.26 6.15 -10.93
CA LEU B 248 3.13 6.42 -12.35
C LEU B 248 4.31 7.18 -12.91
N LYS B 249 4.79 8.18 -12.18
CA LYS B 249 5.98 8.92 -12.60
C LYS B 249 7.22 8.05 -12.66
N ILE B 250 7.41 7.18 -11.68
CA ILE B 250 8.61 6.33 -11.66
C ILE B 250 8.61 5.41 -12.89
N ILE B 251 7.43 4.98 -13.30
CA ILE B 251 7.33 3.96 -14.37
C ILE B 251 7.04 4.60 -15.70
N GLY B 252 7.09 5.93 -15.74
CA GLY B 252 6.94 6.70 -16.97
C GLY B 252 5.54 6.85 -17.57
N ARG B 253 4.51 6.86 -16.74
CA ARG B 253 3.12 6.85 -17.23
C ARG B 253 2.23 7.89 -16.53
N LEU B 254 2.84 8.96 -16.02
CA LEU B 254 2.07 10.01 -15.36
C LEU B 254 0.97 10.61 -16.26
N HIS B 255 1.24 10.66 -17.57
CA HIS B 255 0.26 11.17 -18.54
C HIS B 255 -0.96 10.28 -18.72
N TRP B 256 -1.01 9.11 -18.07
CA TRP B 256 -2.20 8.25 -18.14
C TRP B 256 -3.34 8.66 -17.22
N ILE B 257 -3.11 9.63 -16.34
CA ILE B 257 -4.24 10.19 -15.58
C ILE B 257 -4.60 11.60 -16.09
N ASP B 258 -5.79 12.03 -15.71
CA ASP B 258 -6.29 13.36 -16.07
C ASP B 258 -5.79 14.34 -15.02
N ARG B 259 -4.71 15.05 -15.36
CA ARG B 259 -4.03 15.92 -14.42
C ARG B 259 -4.93 17.01 -13.85
N GLU B 260 -5.78 17.59 -14.70
CA GLU B 260 -6.56 18.76 -14.30
C GLU B 260 -7.66 18.36 -13.34
N LYS B 261 -8.28 17.21 -13.58
CA LYS B 261 -9.27 16.70 -12.64
C LYS B 261 -8.62 16.32 -11.29
N LEU B 262 -7.38 15.82 -11.34
CA LEU B 262 -6.67 15.42 -10.11
C LEU B 262 -6.32 16.63 -9.27
N ARG B 263 -5.70 17.63 -9.91
CA ARG B 263 -5.40 18.90 -9.26
C ARG B 263 -6.62 19.52 -8.54
N SER B 264 -7.75 19.55 -9.22
CA SER B 264 -8.99 20.08 -8.63
C SER B 264 -9.42 19.30 -7.40
N PHE B 265 -9.28 17.98 -7.45
CA PHE B 265 -9.55 17.16 -6.29
C PHE B 265 -8.63 17.58 -5.15
N ILE B 266 -7.35 17.70 -5.45
CA ILE B 266 -6.35 17.95 -4.43
C ILE B 266 -6.63 19.33 -3.78
N LEU B 267 -6.87 20.33 -4.63
CA LEU B 267 -7.21 21.68 -4.13
C LEU B 267 -8.47 21.68 -3.26
N ALA B 268 -9.47 20.90 -3.67
CA ALA B 268 -10.69 20.78 -2.86
C ALA B 268 -10.50 20.13 -1.47
N CYS B 269 -9.34 19.53 -1.22
CA CYS B 269 -9.03 18.94 0.09
C CYS B 269 -8.40 19.93 1.08
N GLN B 270 -7.99 21.08 0.59
CA GLN B 270 -7.49 22.16 1.45
C GLN B 270 -8.57 22.65 2.42
N ASP B 271 -8.14 23.14 3.58
CA ASP B 271 -9.02 23.83 4.52
C ASP B 271 -8.73 25.33 4.42
N GLU B 272 -9.69 26.07 3.85
CA GLU B 272 -9.55 27.52 3.60
C GLU B 272 -9.28 28.39 4.83
N GLU B 273 -9.81 27.99 5.99
CA GLU B 273 -9.58 28.73 7.25
C GLU B 273 -8.33 28.23 8.01
N THR B 274 -8.35 26.98 8.49
CA THR B 274 -7.24 26.44 9.30
C THR B 274 -5.96 26.12 8.53
N GLY B 275 -6.05 26.01 7.21
CA GLY B 275 -4.89 25.61 6.40
C GLY B 275 -4.63 24.11 6.46
N GLY B 276 -3.60 23.66 5.75
CA GLY B 276 -3.33 22.23 5.58
C GLY B 276 -4.34 21.52 4.68
N PHE B 277 -4.05 20.26 4.37
CA PHE B 277 -4.96 19.41 3.59
C PHE B 277 -5.48 18.29 4.45
N ALA B 278 -6.69 17.83 4.15
CA ALA B 278 -7.25 16.61 4.73
C ALA B 278 -7.21 15.49 3.68
N ASP B 279 -7.64 14.30 4.08
CA ASP B 279 -7.68 13.14 3.18
C ASP B 279 -8.71 13.33 2.07
N ARG B 280 -9.85 13.93 2.41
CA ARG B 280 -10.87 14.27 1.42
C ARG B 280 -11.59 15.59 1.79
N PRO B 281 -12.26 16.23 0.80
CA PRO B 281 -12.87 17.55 1.00
C PRO B 281 -13.69 17.69 2.28
N GLY B 282 -13.39 18.72 3.07
CA GLY B 282 -14.17 19.06 4.26
C GLY B 282 -13.82 18.29 5.53
N ASP B 283 -12.86 17.38 5.45
CA ASP B 283 -12.44 16.59 6.62
C ASP B 283 -11.31 17.31 7.32
N MET B 284 -10.88 16.79 8.47
CA MET B 284 -9.87 17.44 9.29
C MET B 284 -8.46 17.29 8.71
N VAL B 285 -7.79 18.42 8.48
CA VAL B 285 -6.42 18.44 7.98
C VAL B 285 -5.41 17.78 8.92
N ASP B 286 -4.23 17.48 8.38
CA ASP B 286 -3.08 16.99 9.15
C ASP B 286 -1.82 17.15 8.30
N PRO B 287 -0.64 17.22 8.93
CA PRO B 287 0.60 17.45 8.16
C PRO B 287 0.96 16.36 7.14
N PHE B 288 0.55 15.13 7.42
CA PHE B 288 0.72 13.99 6.51
C PHE B 288 0.06 14.27 5.13
N HIS B 289 -1.26 14.49 5.13
CA HIS B 289 -1.97 14.80 3.89
C HIS B 289 -1.57 16.14 3.32
N THR B 290 -0.97 16.99 4.14
CA THR B 290 -0.48 18.26 3.67
C THR B 290 0.78 18.04 2.84
N LEU B 291 1.67 17.14 3.28
CA LEU B 291 2.87 16.84 2.51
C LEU B 291 2.44 16.23 1.16
N PHE B 292 1.55 15.27 1.22
CA PHE B 292 1.16 14.49 0.04
C PHE B 292 0.31 15.26 -0.99
N GLY B 293 -0.60 16.10 -0.50
CA GLY B 293 -1.29 17.05 -1.39
C GLY B 293 -0.31 17.97 -2.11
N ILE B 294 0.57 18.61 -1.34
CA ILE B 294 1.60 19.51 -1.87
C ILE B 294 2.57 18.78 -2.82
N ALA B 295 3.09 17.65 -2.36
CA ALA B 295 3.95 16.82 -3.21
C ALA B 295 3.21 16.40 -4.49
N GLY B 296 1.94 16.03 -4.38
CA GLY B 296 1.12 15.65 -5.54
C GLY B 296 1.03 16.77 -6.58
N LEU B 297 0.69 17.97 -6.11
CA LEU B 297 0.60 19.15 -6.99
C LEU B 297 1.92 19.49 -7.67
N SER B 298 3.03 19.30 -6.97
CA SER B 298 4.32 19.59 -7.57
C SER B 298 4.65 18.63 -8.71
N LEU B 299 4.39 17.35 -8.49
CA LEU B 299 4.55 16.35 -9.55
C LEU B 299 3.64 16.70 -10.72
N LEU B 300 2.46 17.22 -10.45
CA LEU B 300 1.55 17.68 -11.52
C LEU B 300 2.00 18.97 -12.26
N GLY B 301 3.08 19.60 -11.79
CA GLY B 301 3.70 20.75 -12.49
C GLY B 301 3.59 22.12 -11.84
N GLU B 302 2.94 22.21 -10.67
CA GLU B 302 2.65 23.50 -10.02
C GLU B 302 3.90 24.36 -9.74
N GLU B 303 3.94 25.57 -10.33
CA GLU B 303 5.15 26.44 -10.31
C GLU B 303 5.60 27.00 -8.94
N GLN B 304 4.64 27.23 -8.05
CA GLN B 304 4.95 27.75 -6.71
C GLN B 304 5.60 26.71 -5.75
N ILE B 305 5.72 25.46 -6.19
CA ILE B 305 6.27 24.39 -5.35
C ILE B 305 7.54 23.84 -5.99
N LYS B 306 8.60 23.64 -5.21
CA LYS B 306 9.82 23.04 -5.74
C LYS B 306 9.60 21.63 -6.32
N PRO B 307 10.40 21.26 -7.33
CA PRO B 307 10.29 19.88 -7.84
C PRO B 307 10.56 18.86 -6.74
N VAL B 308 9.73 17.82 -6.71
CA VAL B 308 9.82 16.77 -5.70
C VAL B 308 10.23 15.45 -6.35
N SER B 309 11.10 14.70 -5.68
CA SER B 309 11.45 13.35 -6.13
C SER B 309 10.29 12.38 -5.88
N PRO B 310 9.83 11.67 -6.94
CA PRO B 310 8.77 10.69 -6.72
C PRO B 310 9.27 9.49 -5.91
N VAL B 311 10.58 9.27 -5.85
CA VAL B 311 11.17 8.16 -5.08
C VAL B 311 11.28 8.45 -3.58
N PHE B 312 11.93 9.55 -3.24
CA PHE B 312 12.21 9.87 -1.84
C PHE B 312 11.23 10.84 -1.18
N CYS B 313 10.34 11.41 -1.99
CA CYS B 313 9.43 12.46 -1.54
C CYS B 313 10.25 13.49 -0.75
N MET B 314 11.18 14.10 -1.46
CA MET B 314 12.05 15.15 -0.94
C MET B 314 12.33 16.08 -2.10
N PRO B 315 12.68 17.35 -1.83
CA PRO B 315 13.06 18.22 -2.99
C PRO B 315 14.16 17.60 -3.86
N GLU B 316 14.00 17.69 -5.17
CA GLU B 316 15.02 17.19 -6.10
C GLU B 316 16.40 17.85 -5.88
N GLU B 317 16.41 19.14 -5.52
CA GLU B 317 17.69 19.84 -5.29
C GLU B 317 18.47 19.28 -4.12
N VAL B 318 17.76 18.79 -3.10
CA VAL B 318 18.40 18.09 -1.99
C VAL B 318 19.12 16.82 -2.46
N LEU B 319 18.43 16.05 -3.30
CA LEU B 319 18.95 14.76 -3.77
C LEU B 319 20.07 14.97 -4.78
N GLN B 320 19.97 16.03 -5.56
CA GLN B 320 21.03 16.45 -6.49
C GLN B 320 22.32 16.74 -5.71
N ARG B 321 22.18 17.38 -4.56
CA ARG B 321 23.32 17.73 -3.71
C ARG B 321 24.04 16.51 -3.12
N VAL B 322 23.28 15.51 -2.66
CA VAL B 322 23.87 14.25 -2.18
C VAL B 322 24.15 13.25 -3.32
N ASN B 323 23.68 13.59 -4.53
CA ASN B 323 23.92 12.80 -5.74
C ASN B 323 23.30 11.40 -5.69
N VAL B 324 22.08 11.32 -5.16
CA VAL B 324 21.27 10.12 -5.24
C VAL B 324 20.05 10.47 -6.06
N GLN B 325 20.12 10.23 -7.36
CA GLN B 325 19.02 10.52 -8.25
C GLN B 325 18.81 9.32 -9.17
N PRO B 326 17.97 8.35 -8.74
CA PRO B 326 17.77 7.14 -9.52
C PRO B 326 17.07 7.46 -10.84
N GLU B 327 17.48 6.77 -11.91
CA GLU B 327 16.84 6.94 -13.22
C GLU B 327 15.46 6.26 -13.22
N LEU B 328 14.48 6.96 -13.78
CA LEU B 328 13.11 6.47 -13.82
C LEU B 328 12.89 5.88 -15.20
N VAL B 329 11.70 5.32 -15.45
CA VAL B 329 11.45 4.67 -16.73
C VAL B 329 11.41 5.72 -17.85
N SER B 330 10.52 6.71 -17.73
CA SER B 330 10.46 7.80 -18.73
C SER B 330 9.44 8.89 -18.38
#